data_2NC5
#
_entry.id   2NC5
#
loop_
_entity.id
_entity.type
_entity.pdbx_description
1 polymer 'Pin1 WW Domain'
2 non-polymer beta-D-xylopyranose
#
_entity_poly.entity_id   1
_entity_poly.type   'polypeptide(L)'
_entity_poly.pdbx_seq_one_letter_code
;KLPPGWEKRMFANGTVYYFNHITNASQFERPSG
;
_entity_poly.pdbx_strand_id   A
#
# COMPACT_ATOMS: atom_id res chain seq x y z
N LYS A 1 5.76 11.86 -3.62
CA LYS A 1 4.87 11.57 -2.45
C LYS A 1 5.13 10.19 -1.87
N LEU A 2 4.73 9.12 -2.56
CA LEU A 2 4.82 7.73 -2.09
C LEU A 2 6.22 7.13 -2.38
N PRO A 3 6.85 6.38 -1.45
CA PRO A 3 8.20 5.82 -1.64
C PRO A 3 8.25 4.68 -2.68
N PRO A 4 9.44 4.34 -3.21
CA PRO A 4 9.63 3.32 -4.23
C PRO A 4 9.03 1.95 -3.89
N GLY A 5 8.42 1.30 -4.88
CA GLY A 5 7.81 -0.03 -4.79
C GLY A 5 6.39 -0.08 -4.19
N TRP A 6 5.97 0.94 -3.44
CA TRP A 6 4.61 1.05 -2.91
C TRP A 6 3.58 1.55 -3.93
N GLU A 7 2.31 1.13 -3.75
CA GLU A 7 1.14 1.62 -4.47
C GLU A 7 -0.09 1.54 -3.54
N LYS A 8 -1.03 2.49 -3.66
CA LYS A 8 -2.31 2.44 -2.92
C LYS A 8 -3.21 1.28 -3.39
N ARG A 9 -3.94 0.71 -2.44
CA ARG A 9 -4.75 -0.52 -2.60
C ARG A 9 -6.05 -0.40 -1.79
N MET A 10 -7.05 -1.23 -2.07
CA MET A 10 -8.38 -1.11 -1.42
C MET A 10 -9.15 -2.44 -1.40
N PHE A 11 -9.77 -2.72 -0.25
CA PHE A 11 -10.69 -3.84 -0.04
C PHE A 11 -12.05 -3.76 -0.76
N ALA A 12 -12.73 -4.88 -0.95
CA ALA A 12 -14.07 -4.95 -1.57
C ALA A 12 -15.14 -4.15 -0.80
N ASN A 13 -14.95 -3.93 0.51
CA ASN A 13 -15.80 -3.10 1.36
C ASN A 13 -15.52 -1.58 1.30
N GLY A 14 -14.52 -1.15 0.52
CA GLY A 14 -14.14 0.26 0.36
C GLY A 14 -13.08 0.78 1.36
N THR A 15 -12.32 -0.10 2.01
CA THR A 15 -11.27 0.27 2.99
C THR A 15 -9.91 0.33 2.30
N VAL A 16 -9.21 1.48 2.41
CA VAL A 16 -7.96 1.77 1.69
C VAL A 16 -6.75 1.41 2.56
N TYR A 17 -5.71 0.88 1.92
CA TYR A 17 -4.44 0.47 2.53
C TYR A 17 -3.32 0.57 1.47
N TYR A 18 -2.12 0.07 1.80
CA TYR A 18 -0.91 0.17 0.98
C TYR A 18 -0.30 -1.19 0.63
N PHE A 19 0.21 -1.33 -0.60
CA PHE A 19 0.79 -2.56 -1.14
C PHE A 19 2.13 -2.39 -1.84
N ASN A 20 3.12 -3.22 -1.52
CA ASN A 20 4.44 -3.19 -2.15
C ASN A 20 4.45 -4.19 -3.32
N HIS A 21 4.52 -3.70 -4.56
CA HIS A 21 4.46 -4.53 -5.77
C HIS A 21 5.77 -5.26 -6.08
N ILE A 22 6.89 -4.86 -5.45
CA ILE A 22 8.20 -5.52 -5.58
C ILE A 22 8.27 -6.77 -4.69
N THR A 23 7.71 -6.69 -3.48
CA THR A 23 7.84 -7.69 -2.39
C THR A 23 6.58 -8.44 -1.99
N ASN A 24 5.42 -8.02 -2.53
CA ASN A 24 4.07 -8.47 -2.16
C ASN A 24 3.65 -8.19 -0.69
N ALA A 25 4.42 -7.38 0.05
CA ALA A 25 4.04 -6.89 1.38
C ALA A 25 2.84 -5.93 1.34
N SER A 26 2.15 -5.75 2.47
CA SER A 26 1.02 -4.81 2.61
C SER A 26 0.83 -4.30 4.05
N GLN A 27 0.32 -3.08 4.19
CA GLN A 27 0.09 -2.41 5.48
C GLN A 27 -1.01 -1.34 5.38
N PHE A 28 -1.71 -1.05 6.49
CA PHE A 28 -2.72 0.02 6.56
C PHE A 28 -2.20 1.46 6.67
N GLU A 29 -1.17 1.69 7.47
CA GLU A 29 -0.54 3.00 7.67
C GLU A 29 0.24 3.48 6.43
N ARG A 30 0.19 4.78 6.13
CA ARG A 30 0.86 5.39 4.98
C ARG A 30 2.40 5.23 5.06
N PRO A 31 3.06 4.64 4.05
CA PRO A 31 4.48 4.25 4.12
C PRO A 31 5.47 5.41 4.02
N SER A 32 6.44 5.46 4.94
CA SER A 32 7.60 6.37 4.87
C SER A 32 8.78 5.81 4.05
N GLY A 33 8.84 4.48 3.87
CA GLY A 33 9.90 3.76 3.13
C GLY A 33 9.80 2.25 3.29
N LYS A 1 5.23 11.87 -3.87
CA LYS A 1 4.16 11.51 -2.89
C LYS A 1 4.46 10.19 -2.18
N LEU A 2 4.28 9.06 -2.87
CA LEU A 2 4.42 7.70 -2.32
C LEU A 2 5.86 7.15 -2.53
N PRO A 3 6.49 6.47 -1.56
CA PRO A 3 7.86 5.96 -1.69
C PRO A 3 8.00 4.84 -2.74
N PRO A 4 9.24 4.56 -3.22
CA PRO A 4 9.50 3.54 -4.25
C PRO A 4 8.98 2.15 -3.90
N GLY A 5 8.44 1.46 -4.91
CA GLY A 5 7.90 0.10 -4.80
C GLY A 5 6.47 -0.02 -4.21
N TRP A 6 5.97 1.00 -3.52
CA TRP A 6 4.59 1.03 -3.00
C TRP A 6 3.53 1.42 -4.03
N GLU A 7 2.29 0.98 -3.78
CA GLU A 7 1.08 1.31 -4.54
C GLU A 7 -0.13 1.34 -3.58
N LYS A 8 -1.08 2.26 -3.80
CA LYS A 8 -2.38 2.25 -3.08
C LYS A 8 -3.27 1.09 -3.53
N ARG A 9 -4.03 0.55 -2.57
CA ARG A 9 -5.03 -0.53 -2.74
C ARG A 9 -6.28 -0.27 -1.90
N MET A 10 -7.29 -1.09 -2.14
CA MET A 10 -8.63 -0.94 -1.54
C MET A 10 -9.38 -2.29 -1.46
N PHE A 11 -10.04 -2.51 -0.32
CA PHE A 11 -10.99 -3.61 -0.08
C PHE A 11 -12.36 -3.42 -0.74
N ALA A 12 -13.11 -4.52 -0.96
CA ALA A 12 -14.47 -4.48 -1.50
C ALA A 12 -15.48 -3.71 -0.60
N ASN A 13 -15.18 -3.58 0.70
CA ASN A 13 -15.97 -2.81 1.66
C ASN A 13 -15.70 -1.28 1.64
N GLY A 14 -14.73 -0.80 0.84
CA GLY A 14 -14.34 0.62 0.75
C GLY A 14 -13.21 1.07 1.69
N THR A 15 -12.41 0.13 2.25
CA THR A 15 -11.28 0.42 3.15
C THR A 15 -9.98 0.47 2.36
N VAL A 16 -9.15 1.50 2.60
CA VAL A 16 -7.90 1.76 1.87
C VAL A 16 -6.69 1.15 2.58
N TYR A 17 -5.72 0.63 1.82
CA TYR A 17 -4.44 0.12 2.31
C TYR A 17 -3.32 0.34 1.28
N TYR A 18 -2.11 -0.13 1.58
CA TYR A 18 -0.90 0.01 0.78
C TYR A 18 -0.23 -1.34 0.50
N PHE A 19 0.33 -1.50 -0.70
CA PHE A 19 0.98 -2.73 -1.18
C PHE A 19 2.33 -2.51 -1.86
N ASN A 20 3.35 -3.29 -1.50
CA ASN A 20 4.68 -3.21 -2.11
C ASN A 20 4.79 -4.24 -3.25
N HIS A 21 4.83 -3.77 -4.50
CA HIS A 21 4.83 -4.64 -5.68
C HIS A 21 6.20 -5.29 -5.96
N ILE A 22 7.28 -4.83 -5.30
CA ILE A 22 8.62 -5.42 -5.39
C ILE A 22 8.72 -6.66 -4.48
N THR A 23 8.13 -6.59 -3.28
CA THR A 23 8.28 -7.57 -2.18
C THR A 23 7.03 -8.38 -1.83
N ASN A 24 5.88 -8.03 -2.40
CA ASN A 24 4.53 -8.53 -2.08
C ASN A 24 4.04 -8.25 -0.64
N ALA A 25 4.73 -7.39 0.12
CA ALA A 25 4.27 -6.92 1.43
C ALA A 25 3.03 -6.01 1.33
N SER A 26 2.27 -5.87 2.43
CA SER A 26 1.12 -4.95 2.53
C SER A 26 0.88 -4.45 3.95
N GLN A 27 0.33 -3.23 4.08
CA GLN A 27 0.07 -2.57 5.36
C GLN A 27 -1.07 -1.53 5.24
N PHE A 28 -1.80 -1.29 6.32
CA PHE A 28 -2.83 -0.24 6.39
C PHE A 28 -2.33 1.21 6.50
N GLU A 29 -1.29 1.43 7.31
CA GLU A 29 -0.69 2.75 7.53
C GLU A 29 0.08 3.27 6.31
N ARG A 30 0.00 4.58 6.05
CA ARG A 30 0.62 5.26 4.90
C ARG A 30 2.16 5.19 4.93
N PRO A 31 2.83 4.50 3.97
CA PRO A 31 4.26 4.21 4.01
C PRO A 31 5.15 5.45 3.78
N SER A 32 6.31 5.49 4.45
CA SER A 32 7.36 6.51 4.30
C SER A 32 8.65 6.00 3.64
N GLY A 33 8.82 4.67 3.51
CA GLY A 33 9.97 4.01 2.89
C GLY A 33 9.96 2.49 3.07
N LYS A 1 5.73 11.89 -3.66
CA LYS A 1 4.56 11.50 -2.83
C LYS A 1 4.79 10.16 -2.13
N LEU A 2 4.65 9.03 -2.84
CA LEU A 2 4.74 7.68 -2.28
C LEU A 2 6.14 7.07 -2.51
N PRO A 3 6.76 6.39 -1.52
CA PRO A 3 8.11 5.83 -1.63
C PRO A 3 8.21 4.65 -2.64
N PRO A 4 9.41 4.30 -3.11
CA PRO A 4 9.63 3.27 -4.13
C PRO A 4 9.00 1.91 -3.80
N GLY A 5 8.43 1.25 -4.83
CA GLY A 5 7.79 -0.06 -4.75
C GLY A 5 6.36 -0.08 -4.18
N TRP A 6 5.95 0.92 -3.42
CA TRP A 6 4.59 1.03 -2.89
C TRP A 6 3.53 1.48 -3.92
N GLU A 7 2.29 1.07 -3.68
CA GLU A 7 1.09 1.42 -4.46
C GLU A 7 -0.16 1.40 -3.57
N LYS A 8 -1.11 2.32 -3.78
CA LYS A 8 -2.41 2.34 -3.08
C LYS A 8 -3.36 1.25 -3.57
N ARG A 9 -4.03 0.61 -2.63
CA ARG A 9 -5.08 -0.41 -2.84
C ARG A 9 -6.33 -0.09 -2.01
N MET A 10 -7.36 -0.90 -2.24
CA MET A 10 -8.64 -0.83 -1.54
C MET A 10 -9.38 -2.18 -1.53
N PHE A 11 -9.95 -2.53 -0.37
CA PHE A 11 -10.86 -3.67 -0.19
C PHE A 11 -12.25 -3.51 -0.80
N ALA A 12 -12.97 -4.61 -1.03
CA ALA A 12 -14.34 -4.61 -1.57
C ALA A 12 -15.36 -3.87 -0.66
N ASN A 13 -15.07 -3.75 0.64
CA ASN A 13 -15.87 -2.98 1.62
C ASN A 13 -15.57 -1.47 1.65
N GLY A 14 -14.61 -0.98 0.84
CA GLY A 14 -14.23 0.44 0.77
C GLY A 14 -13.10 0.87 1.71
N THR A 15 -12.30 -0.07 2.25
CA THR A 15 -11.18 0.21 3.17
C THR A 15 -9.88 0.32 2.38
N VAL A 16 -9.14 1.42 2.54
CA VAL A 16 -7.93 1.74 1.76
C VAL A 16 -6.69 1.28 2.53
N TYR A 17 -5.71 0.74 1.81
CA TYR A 17 -4.44 0.22 2.36
C TYR A 17 -3.33 0.34 1.30
N TYR A 18 -2.13 -0.09 1.65
CA TYR A 18 -0.91 0.02 0.85
C TYR A 18 -0.25 -1.33 0.52
N PHE A 19 0.27 -1.47 -0.68
CA PHE A 19 0.91 -2.68 -1.20
C PHE A 19 2.26 -2.46 -1.87
N ASN A 20 3.29 -3.22 -1.50
CA ASN A 20 4.60 -3.17 -2.13
C ASN A 20 4.64 -4.20 -3.26
N HIS A 21 4.61 -3.74 -4.52
CA HIS A 21 4.55 -4.63 -5.69
C HIS A 21 5.86 -5.40 -5.94
N ILE A 22 6.99 -4.89 -5.42
CA ILE A 22 8.32 -5.48 -5.59
C ILE A 22 8.53 -6.67 -4.63
N THR A 23 8.04 -6.54 -3.39
CA THR A 23 8.23 -7.48 -2.28
C THR A 23 7.00 -8.30 -1.87
N ASN A 24 5.83 -7.97 -2.43
CA ASN A 24 4.50 -8.47 -2.07
C ASN A 24 4.04 -8.18 -0.62
N ALA A 25 4.74 -7.31 0.12
CA ALA A 25 4.31 -6.84 1.44
C ALA A 25 3.06 -5.92 1.36
N SER A 26 2.34 -5.78 2.47
CA SER A 26 1.17 -4.88 2.58
C SER A 26 0.95 -4.36 4.01
N GLN A 27 0.39 -3.16 4.13
CA GLN A 27 0.10 -2.48 5.41
C GLN A 27 -1.04 -1.46 5.28
N PHE A 28 -1.75 -1.18 6.37
CA PHE A 28 -2.80 -0.15 6.42
C PHE A 28 -2.34 1.32 6.52
N GLU A 29 -1.32 1.57 7.35
CA GLU A 29 -0.76 2.91 7.57
C GLU A 29 0.06 3.40 6.35
N ARG A 30 -0.05 4.70 6.01
CA ARG A 30 0.63 5.31 4.86
C ARG A 30 2.17 5.20 4.96
N PRO A 31 2.87 4.62 3.96
CA PRO A 31 4.29 4.27 4.05
C PRO A 31 5.24 5.47 3.93
N SER A 32 6.19 5.59 4.86
CA SER A 32 7.28 6.57 4.84
C SER A 32 8.55 6.11 4.09
N GLY A 33 8.72 4.79 3.90
CA GLY A 33 9.86 4.17 3.20
C GLY A 33 9.86 2.64 3.30
N LYS A 1 5.30 11.98 -3.33
CA LYS A 1 4.39 11.51 -2.24
C LYS A 1 4.80 10.14 -1.70
N LEU A 2 4.50 9.05 -2.44
CA LEU A 2 4.66 7.67 -2.01
C LEU A 2 6.09 7.13 -2.27
N PRO A 3 6.67 6.26 -1.41
CA PRO A 3 8.02 5.74 -1.60
C PRO A 3 8.13 4.75 -2.77
N PRO A 4 9.34 4.48 -3.29
CA PRO A 4 9.58 3.45 -4.32
C PRO A 4 9.04 2.07 -3.92
N GLY A 5 8.45 1.36 -4.89
CA GLY A 5 7.90 0.02 -4.73
C GLY A 5 6.54 -0.10 -4.03
N TRP A 6 6.06 0.94 -3.33
CA TRP A 6 4.70 1.02 -2.80
C TRP A 6 3.68 1.52 -3.82
N GLU A 7 2.44 1.05 -3.71
CA GLU A 7 1.26 1.49 -4.46
C GLU A 7 0.03 1.52 -3.52
N LYS A 8 -0.93 2.42 -3.78
CA LYS A 8 -2.22 2.44 -3.07
C LYS A 8 -3.13 1.29 -3.51
N ARG A 9 -3.90 0.76 -2.55
CA ARG A 9 -4.74 -0.46 -2.68
C ARG A 9 -6.04 -0.30 -1.88
N MET A 10 -7.03 -1.16 -2.12
CA MET A 10 -8.36 -1.05 -1.50
C MET A 10 -9.09 -2.41 -1.43
N PHE A 11 -9.71 -2.68 -0.28
CA PHE A 11 -10.58 -3.83 -0.02
C PHE A 11 -11.94 -3.81 -0.75
N ALA A 12 -12.58 -4.97 -0.89
CA ALA A 12 -13.92 -5.10 -1.50
C ALA A 12 -15.02 -4.31 -0.75
N ASN A 13 -14.82 -4.02 0.55
CA ASN A 13 -15.71 -3.20 1.38
C ASN A 13 -15.47 -1.68 1.27
N GLY A 14 -14.49 -1.23 0.48
CA GLY A 14 -14.15 0.19 0.27
C GLY A 14 -13.10 0.77 1.23
N THR A 15 -12.32 -0.06 1.93
CA THR A 15 -11.28 0.38 2.88
C THR A 15 -9.92 0.45 2.19
N VAL A 16 -9.20 1.57 2.34
CA VAL A 16 -7.93 1.85 1.64
C VAL A 16 -6.74 1.44 2.51
N TYR A 17 -5.70 0.90 1.86
CA TYR A 17 -4.43 0.50 2.47
C TYR A 17 -3.32 0.60 1.40
N TYR A 18 -2.11 0.14 1.76
CA TYR A 18 -0.91 0.21 0.92
C TYR A 18 -0.33 -1.17 0.59
N PHE A 19 0.15 -1.34 -0.63
CA PHE A 19 0.68 -2.59 -1.18
C PHE A 19 2.06 -2.44 -1.83
N ASN A 20 3.04 -3.27 -1.46
CA ASN A 20 4.35 -3.26 -2.08
C ASN A 20 4.36 -4.23 -3.27
N HIS A 21 4.27 -3.72 -4.49
CA HIS A 21 4.16 -4.57 -5.69
C HIS A 21 5.49 -5.26 -6.08
N ILE A 22 6.61 -4.86 -5.48
CA ILE A 22 7.93 -5.50 -5.66
C ILE A 22 8.05 -6.76 -4.79
N THR A 23 7.55 -6.71 -3.55
CA THR A 23 7.74 -7.71 -2.49
C THR A 23 6.49 -8.48 -2.04
N ASN A 24 5.31 -8.06 -2.51
CA ASN A 24 3.98 -8.50 -2.07
C ASN A 24 3.64 -8.20 -0.59
N ALA A 25 4.40 -7.33 0.10
CA ALA A 25 4.05 -6.82 1.43
C ALA A 25 2.80 -5.91 1.39
N SER A 26 2.22 -5.62 2.56
CA SER A 26 1.06 -4.72 2.72
C SER A 26 1.00 -4.06 4.10
N GLN A 27 0.43 -2.85 4.16
CA GLN A 27 0.31 -2.05 5.39
C GLN A 27 -0.90 -1.11 5.33
N PHE A 28 -1.69 -1.03 6.41
CA PHE A 28 -2.75 -0.01 6.55
C PHE A 28 -2.23 1.43 6.76
N GLU A 29 -1.20 1.55 7.58
CA GLU A 29 -0.46 2.79 7.84
C GLU A 29 0.29 3.28 6.58
N ARG A 30 0.27 4.59 6.34
CA ARG A 30 0.91 5.23 5.18
C ARG A 30 2.45 5.03 5.20
N PRO A 31 3.06 4.44 4.15
CA PRO A 31 4.46 4.00 4.16
C PRO A 31 5.48 5.15 4.04
N SER A 32 6.48 5.15 4.91
CA SER A 32 7.63 6.09 4.84
C SER A 32 8.82 5.58 4.02
N GLY A 33 8.91 4.26 3.79
CA GLY A 33 9.98 3.59 3.03
C GLY A 33 10.02 2.08 3.27
N LYS A 1 5.64 11.87 -3.48
CA LYS A 1 4.80 11.56 -2.28
C LYS A 1 5.07 10.16 -1.73
N LEU A 2 4.62 9.11 -2.42
CA LEU A 2 4.71 7.71 -1.99
C LEU A 2 6.12 7.12 -2.32
N PRO A 3 6.77 6.36 -1.41
CA PRO A 3 8.12 5.85 -1.63
C PRO A 3 8.19 4.73 -2.69
N PRO A 4 9.39 4.43 -3.23
CA PRO A 4 9.60 3.42 -4.27
C PRO A 4 9.04 2.03 -3.92
N GLY A 5 8.45 1.36 -4.91
CA GLY A 5 7.86 0.02 -4.80
C GLY A 5 6.45 -0.04 -4.18
N TRP A 6 5.99 1.00 -3.49
CA TRP A 6 4.63 1.08 -2.95
C TRP A 6 3.57 1.57 -3.96
N GLU A 7 2.33 1.15 -3.76
CA GLU A 7 1.13 1.58 -4.47
C GLU A 7 -0.07 1.54 -3.51
N LYS A 8 -1.04 2.45 -3.65
CA LYS A 8 -2.32 2.38 -2.92
C LYS A 8 -3.19 1.20 -3.39
N ARG A 9 -3.92 0.60 -2.46
CA ARG A 9 -4.72 -0.63 -2.61
C ARG A 9 -6.02 -0.50 -1.79
N MET A 10 -7.03 -1.33 -2.05
CA MET A 10 -8.35 -1.19 -1.41
C MET A 10 -9.13 -2.51 -1.36
N PHE A 11 -9.78 -2.75 -0.22
CA PHE A 11 -10.72 -3.87 0.01
C PHE A 11 -12.06 -3.76 -0.73
N ALA A 12 -12.76 -4.91 -0.90
CA ALA A 12 -14.08 -4.95 -1.53
C ALA A 12 -15.17 -4.15 -0.78
N ASN A 13 -14.98 -3.91 0.53
CA ASN A 13 -15.84 -3.07 1.36
C ASN A 13 -15.55 -1.54 1.28
N GLY A 14 -14.53 -1.13 0.50
CA GLY A 14 -14.15 0.28 0.31
C GLY A 14 -13.09 0.80 1.30
N THR A 15 -12.33 -0.08 1.98
CA THR A 15 -11.29 0.30 2.95
C THR A 15 -9.92 0.35 2.26
N VAL A 16 -9.23 1.50 2.36
CA VAL A 16 -7.98 1.78 1.63
C VAL A 16 -6.77 1.44 2.51
N TYR A 17 -5.72 0.90 1.89
CA TYR A 17 -4.46 0.51 2.51
C TYR A 17 -3.33 0.61 1.45
N TYR A 18 -2.13 0.11 1.79
CA TYR A 18 -0.91 0.20 0.99
C TYR A 18 -0.30 -1.16 0.65
N PHE A 19 0.23 -1.30 -0.56
CA PHE A 19 0.80 -2.53 -1.11
C PHE A 19 2.15 -2.36 -1.81
N ASN A 20 3.12 -3.23 -1.52
CA ASN A 20 4.45 -3.20 -2.13
C ASN A 20 4.48 -4.19 -3.31
N HIS A 21 4.56 -3.68 -4.55
CA HIS A 21 4.51 -4.51 -5.76
C HIS A 21 5.83 -5.24 -6.07
N ILE A 22 6.93 -4.86 -5.42
CA ILE A 22 8.24 -5.53 -5.53
C ILE A 22 8.29 -6.79 -4.65
N THR A 23 7.71 -6.71 -3.44
CA THR A 23 7.82 -7.72 -2.37
C THR A 23 6.53 -8.47 -2.00
N ASN A 24 5.38 -8.03 -2.55
CA ASN A 24 4.02 -8.46 -2.20
C ASN A 24 3.60 -8.19 -0.73
N ALA A 25 4.35 -7.38 0.02
CA ALA A 25 3.96 -6.92 1.36
C ALA A 25 2.77 -5.95 1.32
N SER A 26 2.07 -5.79 2.45
CA SER A 26 0.96 -4.82 2.59
C SER A 26 0.79 -4.31 4.04
N GLN A 27 0.30 -3.09 4.18
CA GLN A 27 0.10 -2.41 5.47
C GLN A 27 -1.00 -1.33 5.38
N PHE A 28 -1.69 -1.04 6.48
CA PHE A 28 -2.69 0.04 6.56
C PHE A 28 -2.16 1.48 6.68
N GLU A 29 -1.12 1.67 7.48
CA GLU A 29 -0.48 2.98 7.70
C GLU A 29 0.33 3.46 6.48
N ARG A 30 0.33 4.77 6.24
CA ARG A 30 0.98 5.40 5.07
C ARG A 30 2.51 5.18 5.06
N PRO A 31 3.11 4.62 3.99
CA PRO A 31 4.53 4.18 3.97
C PRO A 31 5.56 5.30 4.13
N SER A 32 6.51 5.11 5.04
CA SER A 32 7.69 6.00 5.19
C SER A 32 8.90 5.56 4.34
N GLY A 33 8.97 4.30 3.91
CA GLY A 33 10.05 3.72 3.09
C GLY A 33 10.06 2.19 3.12
N LYS A 1 5.01 12.04 -3.47
CA LYS A 1 4.33 11.60 -2.22
C LYS A 1 4.77 10.21 -1.77
N LEU A 2 4.32 9.16 -2.46
CA LEU A 2 4.49 7.76 -2.04
C LEU A 2 5.93 7.23 -2.36
N PRO A 3 6.54 6.40 -1.49
CA PRO A 3 7.90 5.90 -1.73
C PRO A 3 8.00 4.92 -2.92
N PRO A 4 9.21 4.70 -3.47
CA PRO A 4 9.46 3.68 -4.49
C PRO A 4 9.00 2.28 -4.06
N GLY A 5 8.42 1.52 -4.99
CA GLY A 5 7.95 0.15 -4.77
C GLY A 5 6.61 0.00 -4.03
N TRP A 6 6.03 1.06 -3.46
CA TRP A 6 4.67 1.09 -2.92
C TRP A 6 3.59 1.51 -3.95
N GLU A 7 2.36 1.05 -3.75
CA GLU A 7 1.16 1.48 -4.48
C GLU A 7 -0.07 1.45 -3.55
N LYS A 8 -1.03 2.36 -3.73
CA LYS A 8 -2.31 2.33 -3.01
C LYS A 8 -3.21 1.17 -3.46
N ARG A 9 -3.94 0.60 -2.50
CA ARG A 9 -4.77 -0.61 -2.66
C ARG A 9 -6.03 -0.50 -1.79
N MET A 10 -7.07 -1.30 -2.06
CA MET A 10 -8.38 -1.15 -1.41
C MET A 10 -9.18 -2.46 -1.37
N PHE A 11 -9.82 -2.73 -0.23
CA PHE A 11 -10.77 -3.82 -0.03
C PHE A 11 -12.12 -3.69 -0.75
N ALA A 12 -12.83 -4.81 -0.95
CA ALA A 12 -14.16 -4.83 -1.57
C ALA A 12 -15.23 -4.01 -0.80
N ASN A 13 -15.03 -3.80 0.50
CA ASN A 13 -15.88 -2.96 1.36
C ASN A 13 -15.55 -1.44 1.30
N GLY A 14 -14.54 -1.03 0.52
CA GLY A 14 -14.13 0.37 0.37
C GLY A 14 -13.05 0.86 1.36
N THR A 15 -12.32 -0.04 2.01
CA THR A 15 -11.26 0.30 2.99
C THR A 15 -9.89 0.35 2.30
N VAL A 16 -9.19 1.47 2.41
CA VAL A 16 -7.94 1.76 1.68
C VAL A 16 -6.71 1.38 2.54
N TYR A 17 -5.69 0.85 1.90
CA TYR A 17 -4.41 0.43 2.48
C TYR A 17 -3.30 0.54 1.42
N TYR A 18 -2.10 0.04 1.74
CA TYR A 18 -0.90 0.14 0.92
C TYR A 18 -0.28 -1.22 0.59
N PHE A 19 0.25 -1.38 -0.63
CA PHE A 19 0.82 -2.62 -1.15
C PHE A 19 2.19 -2.46 -1.82
N ASN A 20 3.15 -3.34 -1.51
CA ASN A 20 4.53 -3.25 -1.95
C ASN A 20 4.75 -4.18 -3.15
N HIS A 21 4.54 -3.69 -4.39
CA HIS A 21 4.52 -4.54 -5.59
C HIS A 21 5.86 -5.21 -5.94
N ILE A 22 6.96 -4.78 -5.29
CA ILE A 22 8.29 -5.38 -5.40
C ILE A 22 8.41 -6.65 -4.54
N THR A 23 7.70 -6.70 -3.40
CA THR A 23 7.82 -7.73 -2.34
C THR A 23 6.56 -8.53 -2.01
N ASN A 24 5.40 -8.10 -2.50
CA ASN A 24 4.05 -8.56 -2.17
C ASN A 24 3.61 -8.32 -0.70
N ALA A 25 4.34 -7.52 0.08
CA ALA A 25 3.92 -7.05 1.40
C ALA A 25 2.73 -6.06 1.33
N SER A 26 2.02 -5.87 2.45
CA SER A 26 0.94 -4.89 2.58
C SER A 26 0.76 -4.37 4.01
N GLN A 27 0.29 -3.13 4.15
CA GLN A 27 0.08 -2.45 5.44
C GLN A 27 -1.00 -1.36 5.35
N PHE A 28 -1.71 -1.08 6.45
CA PHE A 28 -2.70 0.01 6.52
C PHE A 28 -2.16 1.44 6.66
N GLU A 29 -1.13 1.62 7.49
CA GLU A 29 -0.48 2.92 7.74
C GLU A 29 0.36 3.39 6.53
N ARG A 30 0.38 4.71 6.26
CA ARG A 30 1.05 5.28 5.09
C ARG A 30 2.57 5.01 5.07
N PRO A 31 3.17 4.49 3.96
CA PRO A 31 4.55 3.99 3.94
C PRO A 31 5.63 5.07 4.10
N SER A 32 6.61 4.83 4.98
CA SER A 32 7.81 5.68 5.12
C SER A 32 8.91 5.37 4.09
N GLY A 33 9.00 4.11 3.63
CA GLY A 33 10.00 3.61 2.68
C GLY A 33 10.23 2.10 2.80
N LYS A 1 5.47 11.89 -3.64
CA LYS A 1 4.61 11.59 -2.46
C LYS A 1 4.91 10.21 -1.87
N LEU A 2 4.50 9.14 -2.54
CA LEU A 2 4.64 7.75 -2.07
C LEU A 2 6.06 7.20 -2.35
N PRO A 3 6.65 6.34 -1.47
CA PRO A 3 8.01 5.83 -1.66
C PRO A 3 8.12 4.83 -2.83
N PRO A 4 9.34 4.55 -3.33
CA PRO A 4 9.58 3.54 -4.36
C PRO A 4 9.05 2.15 -3.97
N GLY A 5 8.48 1.44 -4.93
CA GLY A 5 7.92 0.08 -4.77
C GLY A 5 6.56 -0.02 -4.07
N TRP A 6 6.09 1.03 -3.38
CA TRP A 6 4.73 1.09 -2.82
C TRP A 6 3.68 1.58 -3.83
N GLU A 7 2.45 1.08 -3.68
CA GLU A 7 1.23 1.48 -4.39
C GLU A 7 0.03 1.49 -3.43
N LYS A 8 -0.94 2.38 -3.66
CA LYS A 8 -2.22 2.35 -2.93
C LYS A 8 -3.11 1.18 -3.38
N ARG A 9 -3.86 0.62 -2.44
CA ARG A 9 -4.68 -0.61 -2.58
C ARG A 9 -5.98 -0.48 -1.78
N MET A 10 -6.94 -1.37 -2.01
CA MET A 10 -8.31 -1.26 -1.47
C MET A 10 -9.03 -2.61 -1.34
N PHE A 11 -9.76 -2.76 -0.24
CA PHE A 11 -10.70 -3.86 0.02
C PHE A 11 -12.03 -3.76 -0.74
N ALA A 12 -12.72 -4.88 -0.92
CA ALA A 12 -14.04 -4.94 -1.57
C ALA A 12 -15.14 -4.12 -0.83
N ASN A 13 -14.96 -3.87 0.47
CA ASN A 13 -15.84 -3.04 1.30
C ASN A 13 -15.57 -1.51 1.19
N GLY A 14 -14.56 -1.09 0.42
CA GLY A 14 -14.20 0.32 0.21
C GLY A 14 -13.15 0.88 1.19
N THR A 15 -12.38 0.04 1.88
CA THR A 15 -11.34 0.44 2.84
C THR A 15 -9.97 0.50 2.15
N VAL A 16 -9.20 1.56 2.39
CA VAL A 16 -7.91 1.85 1.74
C VAL A 16 -6.73 1.34 2.59
N TYR A 17 -5.70 0.81 1.93
CA TYR A 17 -4.44 0.38 2.53
C TYR A 17 -3.30 0.50 1.49
N TYR A 18 -2.11 0.03 1.85
CA TYR A 18 -0.88 0.12 1.08
C TYR A 18 -0.26 -1.24 0.71
N PHE A 19 0.28 -1.35 -0.49
CA PHE A 19 0.82 -2.59 -1.06
C PHE A 19 2.16 -2.42 -1.78
N ASN A 20 3.16 -3.24 -1.45
CA ASN A 20 4.46 -3.21 -2.09
C ASN A 20 4.44 -4.20 -3.28
N HIS A 21 4.31 -3.71 -4.51
CA HIS A 21 4.19 -4.58 -5.68
C HIS A 21 5.51 -5.25 -6.10
N ILE A 22 6.64 -4.85 -5.52
CA ILE A 22 7.96 -5.49 -5.72
C ILE A 22 8.09 -6.76 -4.85
N THR A 23 7.58 -6.71 -3.61
CA THR A 23 7.79 -7.72 -2.56
C THR A 23 6.54 -8.49 -2.11
N ASN A 24 5.36 -8.07 -2.57
CA ASN A 24 4.02 -8.50 -2.14
C ASN A 24 3.67 -8.23 -0.66
N ALA A 25 4.44 -7.40 0.05
CA ALA A 25 4.10 -6.92 1.39
C ALA A 25 2.89 -5.96 1.39
N SER A 26 2.23 -5.78 2.53
CA SER A 26 1.09 -4.86 2.69
C SER A 26 0.94 -4.32 4.12
N GLN A 27 0.41 -3.10 4.26
CA GLN A 27 0.18 -2.42 5.54
C GLN A 27 -0.95 -1.38 5.44
N PHE A 28 -1.64 -1.07 6.54
CA PHE A 28 -2.68 -0.02 6.59
C PHE A 28 -2.21 1.44 6.68
N GLU A 29 -1.18 1.69 7.49
CA GLU A 29 -0.60 3.03 7.68
C GLU A 29 0.21 3.49 6.46
N ARG A 30 0.15 4.79 6.14
CA ARG A 30 0.84 5.40 4.99
C ARG A 30 2.38 5.26 5.09
N PRO A 31 3.07 4.67 4.10
CA PRO A 31 4.50 4.31 4.21
C PRO A 31 5.43 5.52 4.11
N SER A 32 6.28 5.72 5.12
CA SER A 32 7.23 6.84 5.20
C SER A 32 8.49 6.68 4.33
N GLY A 33 8.81 5.45 3.90
CA GLY A 33 10.01 5.09 3.13
C GLY A 33 10.07 3.62 2.70
N LYS A 1 5.69 11.89 -3.32
CA LYS A 1 4.80 11.46 -2.21
C LYS A 1 5.09 10.05 -1.73
N LEU A 2 4.72 9.02 -2.50
CA LEU A 2 4.79 7.61 -2.11
C LEU A 2 6.17 6.99 -2.43
N PRO A 3 6.81 6.24 -1.50
CA PRO A 3 8.15 5.69 -1.71
C PRO A 3 8.21 4.57 -2.77
N PRO A 4 9.40 4.23 -3.29
CA PRO A 4 9.59 3.22 -4.34
C PRO A 4 8.97 1.86 -4.03
N GLY A 5 8.37 1.24 -5.06
CA GLY A 5 7.72 -0.07 -4.98
C GLY A 5 6.31 -0.11 -4.38
N TRP A 6 5.91 0.89 -3.59
CA TRP A 6 4.55 0.99 -3.03
C TRP A 6 3.48 1.45 -4.03
N GLU A 7 2.24 1.01 -3.79
CA GLU A 7 1.03 1.41 -4.50
C GLU A 7 -0.17 1.42 -3.53
N LYS A 8 -1.10 2.37 -3.68
CA LYS A 8 -2.38 2.36 -2.95
C LYS A 8 -3.31 1.24 -3.45
N ARG A 9 -4.07 0.66 -2.53
CA ARG A 9 -5.10 -0.38 -2.74
C ARG A 9 -6.36 -0.11 -1.93
N MET A 10 -7.39 -0.90 -2.21
CA MET A 10 -8.68 -0.83 -1.51
C MET A 10 -9.45 -2.16 -1.55
N PHE A 11 -10.05 -2.54 -0.42
CA PHE A 11 -11.00 -3.65 -0.29
C PHE A 11 -12.37 -3.43 -0.94
N ALA A 12 -13.10 -4.51 -1.24
CA ALA A 12 -14.46 -4.44 -1.79
C ALA A 12 -15.47 -3.73 -0.85
N ASN A 13 -15.18 -3.68 0.46
CA ASN A 13 -15.98 -2.97 1.47
C ASN A 13 -15.70 -1.44 1.55
N GLY A 14 -14.73 -0.92 0.78
CA GLY A 14 -14.34 0.50 0.76
C GLY A 14 -13.20 0.89 1.73
N THR A 15 -12.42 -0.07 2.25
CA THR A 15 -11.30 0.16 3.18
C THR A 15 -9.99 0.26 2.42
N VAL A 16 -9.21 1.32 2.63
CA VAL A 16 -7.99 1.64 1.86
C VAL A 16 -6.76 1.09 2.60
N TYR A 17 -5.77 0.60 1.83
CA TYR A 17 -4.50 0.09 2.33
C TYR A 17 -3.38 0.33 1.29
N TYR A 18 -2.17 -0.15 1.60
CA TYR A 18 -0.95 -0.02 0.82
C TYR A 18 -0.31 -1.37 0.50
N PHE A 19 0.27 -1.50 -0.70
CA PHE A 19 0.91 -2.72 -1.18
C PHE A 19 2.23 -2.49 -1.91
N ASN A 20 3.29 -3.24 -1.56
CA ASN A 20 4.58 -3.16 -2.23
C ASN A 20 4.65 -4.23 -3.33
N HIS A 21 4.66 -3.82 -4.60
CA HIS A 21 4.63 -4.75 -5.74
C HIS A 21 5.99 -5.40 -6.04
N ILE A 22 7.09 -4.89 -5.47
CA ILE A 22 8.44 -5.47 -5.57
C ILE A 22 8.60 -6.64 -4.59
N THR A 23 8.07 -6.50 -3.37
CA THR A 23 8.29 -7.40 -2.22
C THR A 23 7.07 -8.21 -1.74
N ASN A 24 5.89 -7.92 -2.28
CA ASN A 24 4.57 -8.44 -1.87
C ASN A 24 4.16 -8.08 -0.42
N ALA A 25 4.86 -7.15 0.25
CA ALA A 25 4.47 -6.61 1.55
C ALA A 25 3.18 -5.75 1.47
N SER A 26 2.50 -5.56 2.60
CA SER A 26 1.30 -4.70 2.71
C SER A 26 1.14 -4.05 4.09
N GLN A 27 0.53 -2.86 4.12
CA GLN A 27 0.30 -2.05 5.32
C GLN A 27 -1.02 -1.28 5.26
N PHE A 28 -1.68 -1.13 6.43
CA PHE A 28 -2.83 -0.23 6.58
C PHE A 28 -2.44 1.23 6.81
N GLU A 29 -1.33 1.45 7.53
CA GLU A 29 -0.73 2.76 7.77
C GLU A 29 0.18 3.18 6.61
N ARG A 30 0.13 4.46 6.22
CA ARG A 30 0.80 5.04 5.05
C ARG A 30 2.34 4.85 5.10
N PRO A 31 2.98 4.30 4.05
CA PRO A 31 4.40 3.89 4.07
C PRO A 31 5.39 5.05 3.99
N SER A 32 6.35 5.09 4.91
CA SER A 32 7.50 6.02 4.89
C SER A 32 8.70 5.54 4.06
N GLY A 33 8.81 4.21 3.84
CA GLY A 33 9.88 3.57 3.05
C GLY A 33 9.87 2.05 3.16
N LYS A 1 5.36 11.75 -4.07
CA LYS A 1 4.29 11.55 -3.05
C LYS A 1 4.51 10.24 -2.29
N LEU A 2 4.20 9.09 -2.90
CA LEU A 2 4.40 7.75 -2.33
C LEU A 2 5.84 7.24 -2.61
N PRO A 3 6.50 6.50 -1.69
CA PRO A 3 7.85 6.00 -1.91
C PRO A 3 7.96 4.93 -3.02
N PRO A 4 9.17 4.68 -3.56
CA PRO A 4 9.42 3.62 -4.55
C PRO A 4 8.94 2.22 -4.09
N GLY A 5 8.37 1.46 -5.02
CA GLY A 5 7.87 0.10 -4.80
C GLY A 5 6.47 -0.02 -4.18
N TRP A 6 6.02 0.97 -3.41
CA TRP A 6 4.65 1.03 -2.88
C TRP A 6 3.62 1.51 -3.92
N GLU A 7 2.38 1.04 -3.77
CA GLU A 7 1.20 1.48 -4.55
C GLU A 7 -0.08 1.35 -3.69
N LYS A 8 -1.03 2.26 -3.88
CA LYS A 8 -2.33 2.26 -3.16
C LYS A 8 -3.25 1.11 -3.55
N ARG A 9 -4.00 0.61 -2.58
CA ARG A 9 -5.03 -0.45 -2.70
C ARG A 9 -6.31 -0.11 -1.94
N MET A 10 -7.34 -0.93 -2.17
CA MET A 10 -8.65 -0.81 -1.51
C MET A 10 -9.38 -2.17 -1.46
N PHE A 11 -9.96 -2.48 -0.30
CA PHE A 11 -10.86 -3.62 -0.06
C PHE A 11 -12.26 -3.52 -0.70
N ALA A 12 -12.95 -4.65 -0.86
CA ALA A 12 -14.32 -4.71 -1.39
C ALA A 12 -15.35 -3.92 -0.55
N ASN A 13 -15.07 -3.69 0.73
CA ASN A 13 -15.89 -2.87 1.65
C ASN A 13 -15.58 -1.35 1.59
N GLY A 14 -14.62 -0.91 0.77
CA GLY A 14 -14.23 0.49 0.62
C GLY A 14 -13.13 0.99 1.57
N THR A 15 -12.34 0.09 2.18
CA THR A 15 -11.24 0.42 3.10
C THR A 15 -9.92 0.48 2.35
N VAL A 16 -9.15 1.55 2.54
CA VAL A 16 -7.91 1.83 1.77
C VAL A 16 -6.69 1.31 2.52
N TYR A 17 -5.71 0.77 1.79
CA TYR A 17 -4.43 0.27 2.31
C TYR A 17 -3.32 0.43 1.25
N TYR A 18 -2.13 -0.06 1.56
CA TYR A 18 -0.92 0.05 0.74
C TYR A 18 -0.26 -1.30 0.45
N PHE A 19 0.32 -1.46 -0.73
CA PHE A 19 0.96 -2.68 -1.21
C PHE A 19 2.31 -2.48 -1.88
N ASN A 20 3.32 -3.26 -1.51
CA ASN A 20 4.67 -3.19 -2.08
C ASN A 20 4.77 -4.22 -3.23
N HIS A 21 4.83 -3.74 -4.48
CA HIS A 21 4.83 -4.62 -5.65
C HIS A 21 6.19 -5.30 -5.91
N ILE A 22 7.27 -4.85 -5.24
CA ILE A 22 8.61 -5.46 -5.30
C ILE A 22 8.68 -6.70 -4.39
N THR A 23 8.08 -6.61 -3.20
CA THR A 23 8.19 -7.59 -2.09
C THR A 23 6.93 -8.39 -1.75
N ASN A 24 5.79 -8.01 -2.33
CA ASN A 24 4.44 -8.50 -2.03
C ASN A 24 3.94 -8.22 -0.60
N ALA A 25 4.63 -7.36 0.17
CA ALA A 25 4.16 -6.88 1.48
C ALA A 25 2.93 -5.95 1.36
N SER A 26 2.16 -5.80 2.44
CA SER A 26 1.01 -4.89 2.51
C SER A 26 0.72 -4.40 3.93
N GLN A 27 0.19 -3.17 4.05
CA GLN A 27 -0.11 -2.53 5.34
C GLN A 27 -1.20 -1.45 5.23
N PHE A 28 -1.96 -1.22 6.30
CA PHE A 28 -2.96 -0.16 6.41
C PHE A 28 -2.45 1.27 6.63
N GLU A 29 -1.50 1.43 7.56
CA GLU A 29 -0.77 2.69 7.78
C GLU A 29 0.12 3.01 6.58
N ARG A 30 0.24 4.29 6.19
CA ARG A 30 0.98 4.66 4.98
C ARG A 30 2.50 4.41 5.07
N PRO A 31 3.18 4.21 3.93
CA PRO A 31 4.63 4.00 3.85
C PRO A 31 5.46 5.12 4.48
N SER A 32 6.46 4.77 5.28
CA SER A 32 7.47 5.70 5.82
C SER A 32 8.66 5.95 4.87
N GLY A 33 8.90 5.03 3.93
CA GLY A 33 10.00 5.07 2.94
C GLY A 33 10.20 3.75 2.17
N LYS A 1 5.20 11.74 -3.88
CA LYS A 1 4.14 11.37 -2.89
C LYS A 1 4.47 10.06 -2.19
N LEU A 2 4.28 8.91 -2.87
CA LEU A 2 4.43 7.56 -2.32
C LEU A 2 5.86 7.00 -2.54
N PRO A 3 6.44 6.19 -1.63
CA PRO A 3 7.81 5.69 -1.77
C PRO A 3 7.98 4.68 -2.92
N PRO A 4 9.23 4.39 -3.36
CA PRO A 4 9.51 3.38 -4.37
C PRO A 4 8.94 1.99 -4.05
N GLY A 5 8.41 1.31 -5.06
CA GLY A 5 7.81 -0.03 -4.96
C GLY A 5 6.40 -0.09 -4.35
N TRP A 6 5.98 0.90 -3.56
CA TRP A 6 4.63 0.97 -2.99
C TRP A 6 3.54 1.41 -3.99
N GLU A 7 2.32 0.94 -3.76
CA GLU A 7 1.10 1.25 -4.52
C GLU A 7 -0.13 1.26 -3.59
N LYS A 8 -1.07 2.17 -3.81
CA LYS A 8 -2.34 2.23 -3.05
C LYS A 8 -3.31 1.10 -3.42
N ARG A 9 -4.05 0.62 -2.42
CA ARG A 9 -5.02 -0.48 -2.48
C ARG A 9 -6.34 -0.14 -1.79
N MET A 10 -7.38 -0.90 -2.11
CA MET A 10 -8.69 -0.81 -1.45
C MET A 10 -9.49 -2.12 -1.54
N PHE A 11 -10.09 -2.51 -0.41
CA PHE A 11 -11.07 -3.60 -0.30
C PHE A 11 -12.44 -3.35 -0.96
N ALA A 12 -13.19 -4.41 -1.26
CA ALA A 12 -14.54 -4.30 -1.84
C ALA A 12 -15.55 -3.55 -0.95
N ASN A 13 -15.32 -3.50 0.37
CA ASN A 13 -16.11 -2.74 1.34
C ASN A 13 -15.74 -1.24 1.46
N GLY A 14 -14.73 -0.76 0.70
CA GLY A 14 -14.27 0.63 0.71
C GLY A 14 -13.16 0.96 1.72
N THR A 15 -12.43 -0.03 2.24
CA THR A 15 -11.34 0.15 3.20
C THR A 15 -9.99 0.21 2.47
N VAL A 16 -9.21 1.26 2.72
CA VAL A 16 -7.97 1.57 1.96
C VAL A 16 -6.75 0.98 2.69
N TYR A 17 -5.78 0.50 1.91
CA TYR A 17 -4.48 0.01 2.40
C TYR A 17 -3.37 0.28 1.37
N TYR A 18 -2.17 -0.23 1.63
CA TYR A 18 -0.96 -0.08 0.83
C TYR A 18 -0.29 -1.43 0.53
N PHE A 19 0.29 -1.56 -0.66
CA PHE A 19 0.94 -2.78 -1.15
C PHE A 19 2.27 -2.53 -1.88
N ASN A 20 3.32 -3.27 -1.54
CA ASN A 20 4.61 -3.16 -2.23
C ASN A 20 4.70 -4.24 -3.32
N HIS A 21 4.73 -3.81 -4.60
CA HIS A 21 4.70 -4.75 -5.74
C HIS A 21 6.06 -5.39 -6.04
N ILE A 22 7.16 -4.88 -5.46
CA ILE A 22 8.50 -5.46 -5.57
C ILE A 22 8.66 -6.65 -4.60
N THR A 23 8.13 -6.52 -3.39
CA THR A 23 8.34 -7.43 -2.25
C THR A 23 7.12 -8.24 -1.78
N ASN A 24 5.94 -7.93 -2.32
CA ASN A 24 4.62 -8.44 -1.92
C ASN A 24 4.21 -8.09 -0.46
N ALA A 25 4.91 -7.16 0.20
CA ALA A 25 4.51 -6.63 1.51
C ALA A 25 3.21 -5.79 1.46
N SER A 26 2.56 -5.58 2.60
CA SER A 26 1.36 -4.74 2.73
C SER A 26 1.25 -4.06 4.10
N GLN A 27 0.61 -2.88 4.12
CA GLN A 27 0.40 -2.03 5.31
C GLN A 27 -0.95 -1.32 5.28
N PHE A 28 -1.59 -1.19 6.46
CA PHE A 28 -2.76 -0.32 6.63
C PHE A 28 -2.43 1.16 6.84
N GLU A 29 -1.32 1.42 7.54
CA GLU A 29 -0.76 2.75 7.76
C GLU A 29 0.12 3.20 6.57
N ARG A 30 -0.03 4.46 6.15
CA ARG A 30 0.65 5.08 5.00
C ARG A 30 2.19 5.00 5.10
N PRO A 31 2.89 4.31 4.18
CA PRO A 31 4.35 4.17 4.21
C PRO A 31 5.08 5.51 3.97
N SER A 32 5.93 5.91 4.92
CA SER A 32 6.67 7.17 4.90
C SER A 32 7.98 7.13 4.08
N GLY A 33 8.51 5.93 3.78
CA GLY A 33 9.77 5.69 3.07
C GLY A 33 10.08 4.22 2.83
N LYS A 1 5.00 11.97 -3.41
CA LYS A 1 4.30 11.53 -2.16
C LYS A 1 4.74 10.13 -1.72
N LEU A 2 4.32 9.08 -2.43
CA LEU A 2 4.48 7.67 -2.01
C LEU A 2 5.91 7.15 -2.29
N PRO A 3 6.51 6.29 -1.43
CA PRO A 3 7.87 5.80 -1.63
C PRO A 3 8.00 4.80 -2.81
N PRO A 4 9.24 4.53 -3.30
CA PRO A 4 9.50 3.53 -4.33
C PRO A 4 8.95 2.13 -3.98
N GLY A 5 8.40 1.44 -4.98
CA GLY A 5 7.85 0.08 -4.86
C GLY A 5 6.45 -0.03 -4.25
N TRP A 6 5.98 0.96 -3.48
CA TRP A 6 4.62 1.01 -2.94
C TRP A 6 3.57 1.49 -3.95
N GLU A 7 2.33 1.01 -3.81
CA GLU A 7 1.15 1.45 -4.55
C GLU A 7 -0.11 1.32 -3.67
N LYS A 8 -1.08 2.24 -3.82
CA LYS A 8 -2.36 2.20 -3.08
C LYS A 8 -3.28 1.04 -3.50
N ARG A 9 -4.00 0.50 -2.52
CA ARG A 9 -4.94 -0.66 -2.61
C ARG A 9 -6.23 -0.37 -1.84
N MET A 10 -7.28 -1.17 -2.09
CA MET A 10 -8.57 -1.00 -1.41
C MET A 10 -9.38 -2.32 -1.38
N PHE A 11 -9.99 -2.61 -0.23
CA PHE A 11 -10.96 -3.69 -0.03
C PHE A 11 -12.32 -3.52 -0.73
N ALA A 12 -13.06 -4.61 -0.95
CA ALA A 12 -14.40 -4.57 -1.56
C ALA A 12 -15.44 -3.76 -0.75
N ASN A 13 -15.21 -3.60 0.56
CA ASN A 13 -16.03 -2.77 1.46
C ASN A 13 -15.68 -1.26 1.44
N GLY A 14 -14.68 -0.84 0.66
CA GLY A 14 -14.23 0.57 0.55
C GLY A 14 -13.13 1.00 1.53
N THR A 15 -12.40 0.06 2.14
CA THR A 15 -11.31 0.35 3.10
C THR A 15 -9.96 0.37 2.39
N VAL A 16 -9.21 1.46 2.52
CA VAL A 16 -7.97 1.73 1.77
C VAL A 16 -6.75 1.27 2.57
N TYR A 17 -5.75 0.71 1.89
CA TYR A 17 -4.48 0.26 2.45
C TYR A 17 -3.37 0.36 1.38
N TYR A 18 -2.17 -0.13 1.69
CA TYR A 18 -0.97 -0.01 0.88
C TYR A 18 -0.31 -1.36 0.56
N PHE A 19 0.25 -1.49 -0.64
CA PHE A 19 0.90 -2.70 -1.14
C PHE A 19 2.24 -2.46 -1.84
N ASN A 20 3.28 -3.24 -1.53
CA ASN A 20 4.59 -3.14 -2.17
C ASN A 20 4.71 -4.19 -3.29
N HIS A 21 4.79 -3.75 -4.55
CA HIS A 21 4.79 -4.63 -5.71
C HIS A 21 6.15 -5.30 -5.99
N ILE A 22 7.23 -4.84 -5.35
CA ILE A 22 8.57 -5.44 -5.43
C ILE A 22 8.67 -6.66 -4.51
N THR A 23 8.08 -6.57 -3.31
CA THR A 23 8.21 -7.55 -2.21
C THR A 23 6.95 -8.35 -1.87
N ASN A 24 5.81 -7.98 -2.45
CA ASN A 24 4.46 -8.47 -2.14
C ASN A 24 3.97 -8.20 -0.69
N ALA A 25 4.65 -7.33 0.07
CA ALA A 25 4.22 -6.88 1.39
C ALA A 25 2.97 -5.96 1.32
N SER A 26 2.24 -5.82 2.43
CA SER A 26 1.10 -4.90 2.57
C SER A 26 0.88 -4.41 4.00
N GLN A 27 0.34 -3.18 4.13
CA GLN A 27 0.09 -2.53 5.43
C GLN A 27 -1.03 -1.48 5.32
N PHE A 28 -1.72 -1.19 6.44
CA PHE A 28 -2.73 -0.13 6.52
C PHE A 28 -2.24 1.32 6.63
N GLU A 29 -1.20 1.54 7.45
CA GLU A 29 -0.59 2.86 7.66
C GLU A 29 0.20 3.34 6.42
N ARG A 30 0.18 4.66 6.16
CA ARG A 30 0.82 5.27 4.98
C ARG A 30 2.36 5.05 4.98
N PRO A 31 2.96 4.47 3.92
CA PRO A 31 4.37 4.04 3.91
C PRO A 31 5.41 5.17 4.03
N SER A 32 6.39 5.01 4.93
CA SER A 32 7.56 5.90 5.04
C SER A 32 8.73 5.50 4.13
N GLY A 33 8.84 4.22 3.77
CA GLY A 33 9.90 3.65 2.92
C GLY A 33 10.04 2.14 3.05
N LYS A 1 5.53 11.93 -3.62
CA LYS A 1 4.52 11.53 -2.60
C LYS A 1 4.87 10.19 -1.96
N LEU A 2 4.65 9.08 -2.68
CA LEU A 2 4.75 7.70 -2.16
C LEU A 2 6.15 7.10 -2.44
N PRO A 3 6.78 6.39 -1.48
CA PRO A 3 8.14 5.83 -1.65
C PRO A 3 8.20 4.67 -2.67
N PRO A 4 9.40 4.33 -3.18
CA PRO A 4 9.59 3.30 -4.21
C PRO A 4 8.99 1.93 -3.87
N GLY A 5 8.40 1.28 -4.87
CA GLY A 5 7.79 -0.05 -4.78
C GLY A 5 6.38 -0.09 -4.20
N TRP A 6 5.94 0.93 -3.45
CA TRP A 6 4.58 1.03 -2.94
C TRP A 6 3.55 1.52 -3.97
N GLU A 7 2.29 1.10 -3.79
CA GLU A 7 1.11 1.58 -4.51
C GLU A 7 -0.12 1.52 -3.56
N LYS A 8 -1.06 2.46 -3.70
CA LYS A 8 -2.34 2.40 -2.95
C LYS A 8 -3.23 1.24 -3.40
N ARG A 9 -3.95 0.65 -2.45
CA ARG A 9 -4.72 -0.59 -2.59
C ARG A 9 -6.01 -0.50 -1.76
N MET A 10 -7.01 -1.35 -2.03
CA MET A 10 -8.35 -1.21 -1.45
C MET A 10 -9.10 -2.54 -1.36
N PHE A 11 -9.82 -2.73 -0.25
CA PHE A 11 -10.78 -3.82 -0.02
C PHE A 11 -12.12 -3.67 -0.77
N ALA A 12 -12.84 -4.77 -0.99
CA ALA A 12 -14.17 -4.77 -1.62
C ALA A 12 -15.23 -3.99 -0.80
N ASN A 13 -15.01 -3.81 0.50
CA ASN A 13 -15.86 -3.01 1.40
C ASN A 13 -15.61 -1.49 1.33
N GLY A 14 -14.63 -1.03 0.55
CA GLY A 14 -14.26 0.39 0.41
C GLY A 14 -13.18 0.91 1.38
N THR A 15 -12.40 0.02 2.02
CA THR A 15 -11.32 0.38 2.97
C THR A 15 -9.98 0.44 2.24
N VAL A 16 -9.21 1.53 2.44
CA VAL A 16 -7.94 1.80 1.77
C VAL A 16 -6.74 1.32 2.61
N TYR A 17 -5.72 0.80 1.94
CA TYR A 17 -4.43 0.39 2.52
C TYR A 17 -3.32 0.52 1.46
N TYR A 18 -2.12 0.02 1.76
CA TYR A 18 -0.92 0.13 0.93
C TYR A 18 -0.29 -1.23 0.58
N PHE A 19 0.19 -1.37 -0.65
CA PHE A 19 0.78 -2.59 -1.19
C PHE A 19 2.14 -2.41 -1.88
N ASN A 20 3.14 -3.20 -1.53
CA ASN A 20 4.44 -3.18 -2.17
C ASN A 20 4.46 -4.20 -3.32
N HIS A 21 4.50 -3.72 -4.56
CA HIS A 21 4.43 -4.57 -5.75
C HIS A 21 5.71 -5.37 -6.01
N ILE A 22 6.86 -4.91 -5.47
CA ILE A 22 8.18 -5.53 -5.65
C ILE A 22 8.34 -6.73 -4.70
N THR A 23 7.87 -6.59 -3.46
CA THR A 23 8.04 -7.55 -2.34
C THR A 23 6.78 -8.33 -1.94
N ASN A 24 5.62 -7.97 -2.49
CA ASN A 24 4.28 -8.46 -2.13
C ASN A 24 3.85 -8.15 -0.67
N ALA A 25 4.58 -7.31 0.07
CA ALA A 25 4.18 -6.84 1.40
C ALA A 25 2.95 -5.91 1.34
N SER A 26 2.24 -5.75 2.47
CA SER A 26 1.10 -4.81 2.59
C SER A 26 0.91 -4.31 4.02
N GLN A 27 0.38 -3.09 4.16
CA GLN A 27 0.14 -2.43 5.45
C GLN A 27 -0.97 -1.37 5.36
N PHE A 28 -1.69 -1.11 6.46
CA PHE A 28 -2.72 -0.06 6.53
C PHE A 28 -2.21 1.39 6.65
N GLU A 29 -1.20 1.62 7.48
CA GLU A 29 -0.60 2.94 7.72
C GLU A 29 0.21 3.43 6.49
N ARG A 30 0.12 4.73 6.17
CA ARG A 30 0.77 5.34 5.00
C ARG A 30 2.32 5.20 5.07
N PRO A 31 2.98 4.60 4.05
CA PRO A 31 4.40 4.23 4.10
C PRO A 31 5.38 5.41 3.99
N SER A 32 6.35 5.48 4.90
CA SER A 32 7.48 6.44 4.85
C SER A 32 8.69 5.90 4.06
N GLY A 33 8.82 4.58 3.88
CA GLY A 33 9.89 3.90 3.14
C GLY A 33 9.83 2.39 3.27
N LYS A 1 5.49 11.72 -3.66
CA LYS A 1 4.34 11.50 -2.75
C LYS A 1 4.47 10.15 -2.03
N LEU A 2 4.28 9.03 -2.73
CA LEU A 2 4.42 7.67 -2.20
C LEU A 2 5.85 7.12 -2.41
N PRO A 3 6.42 6.30 -1.49
CA PRO A 3 7.80 5.81 -1.63
C PRO A 3 7.98 4.79 -2.78
N PRO A 4 9.23 4.53 -3.23
CA PRO A 4 9.52 3.51 -4.25
C PRO A 4 8.98 2.12 -3.89
N GLY A 5 8.45 1.41 -4.89
CA GLY A 5 7.89 0.05 -4.75
C GLY A 5 6.48 -0.04 -4.16
N TRP A 6 6.00 0.98 -3.42
CA TRP A 6 4.63 1.03 -2.89
C TRP A 6 3.58 1.49 -3.93
N GLU A 7 2.35 1.04 -3.77
CA GLU A 7 1.18 1.37 -4.58
C GLU A 7 -0.10 1.34 -3.72
N LYS A 8 -1.05 2.26 -3.97
CA LYS A 8 -2.34 2.31 -3.26
C LYS A 8 -3.30 1.18 -3.64
N ARG A 9 -4.07 0.72 -2.65
CA ARG A 9 -5.07 -0.36 -2.72
C ARG A 9 -6.38 -0.02 -2.02
N MET A 10 -7.39 -0.86 -2.24
CA MET A 10 -8.69 -0.78 -1.56
C MET A 10 -9.41 -2.14 -1.53
N PHE A 11 -9.96 -2.50 -0.37
CA PHE A 11 -10.84 -3.65 -0.14
C PHE A 11 -12.25 -3.55 -0.76
N ALA A 12 -12.92 -4.68 -0.95
CA ALA A 12 -14.31 -4.73 -1.45
C ALA A 12 -15.33 -4.00 -0.54
N ASN A 13 -15.01 -3.83 0.76
CA ASN A 13 -15.81 -3.08 1.73
C ASN A 13 -15.55 -1.55 1.73
N GLY A 14 -14.62 -1.05 0.90
CA GLY A 14 -14.27 0.38 0.81
C GLY A 14 -13.15 0.86 1.74
N THR A 15 -12.33 -0.05 2.30
CA THR A 15 -11.21 0.27 3.20
C THR A 15 -9.92 0.37 2.39
N VAL A 16 -9.12 1.42 2.59
CA VAL A 16 -7.91 1.72 1.79
C VAL A 16 -6.69 1.14 2.52
N TYR A 17 -5.75 0.61 1.75
CA TYR A 17 -4.44 0.13 2.23
C TYR A 17 -3.33 0.44 1.20
N TYR A 18 -2.10 0.02 1.49
CA TYR A 18 -0.93 0.13 0.62
C TYR A 18 -0.29 -1.24 0.38
N PHE A 19 0.27 -1.44 -0.82
CA PHE A 19 0.91 -2.66 -1.28
C PHE A 19 2.29 -2.47 -1.92
N ASN A 20 3.28 -3.24 -1.51
CA ASN A 20 4.63 -3.19 -2.07
C ASN A 20 4.74 -4.22 -3.21
N HIS A 21 4.77 -3.76 -4.46
CA HIS A 21 4.77 -4.64 -5.63
C HIS A 21 6.13 -5.32 -5.89
N ILE A 22 7.20 -4.86 -5.22
CA ILE A 22 8.54 -5.46 -5.28
C ILE A 22 8.63 -6.70 -4.37
N THR A 23 8.02 -6.62 -3.18
CA THR A 23 8.14 -7.60 -2.07
C THR A 23 6.88 -8.40 -1.74
N ASN A 24 5.74 -8.04 -2.33
CA ASN A 24 4.39 -8.52 -2.03
C ASN A 24 3.87 -8.24 -0.61
N ALA A 25 4.55 -7.39 0.18
CA ALA A 25 4.06 -6.91 1.47
C ALA A 25 2.84 -5.97 1.33
N SER A 26 2.03 -5.82 2.39
CA SER A 26 0.91 -4.86 2.44
C SER A 26 0.59 -4.38 3.86
N GLN A 27 0.12 -3.13 3.97
CA GLN A 27 -0.21 -2.44 5.23
C GLN A 27 -1.09 -1.21 4.96
N PHE A 28 -2.03 -0.86 5.85
CA PHE A 28 -2.77 0.42 5.79
C PHE A 28 -2.11 1.64 6.43
N GLU A 29 -1.12 1.42 7.29
CA GLU A 29 -0.28 2.48 7.87
C GLU A 29 0.57 3.12 6.75
N ARG A 30 0.34 4.41 6.47
CA ARG A 30 0.89 5.14 5.31
C ARG A 30 2.43 5.04 5.22
N PRO A 31 2.99 4.37 4.18
CA PRO A 31 4.43 4.04 4.11
C PRO A 31 5.34 5.26 3.86
N SER A 32 6.56 5.20 4.41
CA SER A 32 7.61 6.22 4.25
C SER A 32 8.93 5.68 3.63
N GLY A 33 9.03 4.36 3.39
CA GLY A 33 10.19 3.70 2.78
C GLY A 33 10.17 2.18 2.98
N LYS A 1 5.89 11.69 -3.85
CA LYS A 1 4.93 11.54 -2.71
C LYS A 1 5.09 10.17 -2.03
N LEU A 2 4.68 9.09 -2.69
CA LEU A 2 4.75 7.71 -2.18
C LEU A 2 6.16 7.09 -2.45
N PRO A 3 6.79 6.38 -1.50
CA PRO A 3 8.15 5.84 -1.67
C PRO A 3 8.23 4.69 -2.69
N PRO A 4 9.44 4.36 -3.20
CA PRO A 4 9.64 3.32 -4.22
C PRO A 4 9.06 1.95 -3.85
N GLY A 5 8.47 1.27 -4.83
CA GLY A 5 7.85 -0.06 -4.71
C GLY A 5 6.43 -0.07 -4.12
N TRP A 6 6.00 0.98 -3.40
CA TRP A 6 4.65 1.09 -2.86
C TRP A 6 3.60 1.56 -3.89
N GLU A 7 2.36 1.15 -3.68
CA GLU A 7 1.16 1.50 -4.45
C GLU A 7 -0.08 1.47 -3.53
N LYS A 8 -1.03 2.39 -3.73
CA LYS A 8 -2.31 2.38 -3.01
C LYS A 8 -3.22 1.22 -3.44
N ARG A 9 -3.94 0.66 -2.48
CA ARG A 9 -4.75 -0.58 -2.61
C ARG A 9 -6.04 -0.45 -1.78
N MET A 10 -7.05 -1.27 -2.06
CA MET A 10 -8.37 -1.14 -1.43
C MET A 10 -9.15 -2.47 -1.38
N PHE A 11 -9.79 -2.74 -0.24
CA PHE A 11 -10.72 -3.85 -0.04
C PHE A 11 -12.06 -3.74 -0.76
N ALA A 12 -12.76 -4.87 -0.95
CA ALA A 12 -14.08 -4.91 -1.59
C ALA A 12 -15.17 -4.12 -0.82
N ASN A 13 -14.97 -3.88 0.48
CA ASN A 13 -15.84 -3.04 1.33
C ASN A 13 -15.54 -1.53 1.26
N GLY A 14 -14.52 -1.10 0.49
CA GLY A 14 -14.12 0.30 0.33
C GLY A 14 -13.07 0.82 1.32
N THR A 15 -12.32 -0.07 1.99
CA THR A 15 -11.27 0.28 2.96
C THR A 15 -9.90 0.34 2.28
N VAL A 16 -9.20 1.47 2.41
CA VAL A 16 -7.94 1.75 1.68
C VAL A 16 -6.74 1.37 2.55
N TYR A 17 -5.70 0.83 1.91
CA TYR A 17 -4.42 0.42 2.52
C TYR A 17 -3.30 0.53 1.47
N TYR A 18 -2.10 0.07 1.81
CA TYR A 18 -0.89 0.17 1.00
C TYR A 18 -0.27 -1.19 0.66
N PHE A 19 0.25 -1.32 -0.56
CA PHE A 19 0.80 -2.55 -1.12
C PHE A 19 2.15 -2.38 -1.81
N ASN A 20 3.13 -3.22 -1.50
CA ASN A 20 4.43 -3.21 -2.14
C ASN A 20 4.42 -4.18 -3.33
N HIS A 21 4.45 -3.66 -4.56
CA HIS A 21 4.34 -4.48 -5.78
C HIS A 21 5.60 -5.31 -6.07
N ILE A 22 6.75 -4.90 -5.53
CA ILE A 22 8.05 -5.56 -5.72
C ILE A 22 8.18 -6.79 -4.80
N THR A 23 7.71 -6.67 -3.55
CA THR A 23 7.87 -7.66 -2.47
C THR A 23 6.60 -8.41 -2.04
N ASN A 24 5.44 -8.00 -2.54
CA ASN A 24 4.09 -8.45 -2.15
C ASN A 24 3.71 -8.17 -0.68
N ALA A 25 4.49 -7.35 0.06
CA ALA A 25 4.12 -6.87 1.39
C ALA A 25 2.90 -5.92 1.36
N SER A 26 2.22 -5.74 2.49
CA SER A 26 1.09 -4.80 2.64
C SER A 26 0.91 -4.30 4.07
N GLN A 27 0.39 -3.06 4.21
CA GLN A 27 0.18 -2.39 5.50
C GLN A 27 -0.95 -1.34 5.41
N PHE A 28 -1.65 -1.05 6.51
CA PHE A 28 -2.68 -0.01 6.57
C PHE A 28 -2.21 1.45 6.67
N GLU A 29 -1.20 1.69 7.52
CA GLU A 29 -0.60 3.02 7.72
C GLU A 29 0.20 3.50 6.49
N ARG A 30 0.14 4.81 6.20
CA ARG A 30 0.77 5.42 5.01
C ARG A 30 2.31 5.31 5.08
N PRO A 31 2.99 4.67 4.10
CA PRO A 31 4.43 4.45 4.11
C PRO A 31 5.19 5.77 3.88
N SER A 32 5.79 6.30 4.94
CA SER A 32 6.37 7.66 4.95
C SER A 32 7.81 7.76 4.42
N GLY A 33 8.44 6.62 4.11
CA GLY A 33 9.81 6.52 3.57
C GLY A 33 10.28 5.07 3.32
N LYS A 1 5.51 11.77 -3.50
CA LYS A 1 4.44 11.41 -2.53
C LYS A 1 4.70 10.05 -1.88
N LEU A 2 4.46 8.96 -2.61
CA LEU A 2 4.55 7.57 -2.12
C LEU A 2 5.97 6.99 -2.33
N PRO A 3 6.51 6.13 -1.44
CA PRO A 3 7.87 5.59 -1.56
C PRO A 3 8.05 4.61 -2.73
N PRO A 4 9.29 4.30 -3.14
CA PRO A 4 9.58 3.32 -4.20
C PRO A 4 8.96 1.93 -3.94
N GLY A 5 8.43 1.30 -4.99
CA GLY A 5 7.80 -0.02 -4.95
C GLY A 5 6.39 -0.08 -4.35
N TRP A 6 5.95 0.91 -3.58
CA TRP A 6 4.60 0.99 -3.01
C TRP A 6 3.52 1.44 -4.00
N GLU A 7 2.29 0.99 -3.79
CA GLU A 7 1.08 1.30 -4.55
C GLU A 7 -0.15 1.31 -3.64
N LYS A 8 -1.09 2.25 -3.85
CA LYS A 8 -2.36 2.30 -3.11
C LYS A 8 -3.32 1.17 -3.54
N ARG A 9 -4.04 0.64 -2.56
CA ARG A 9 -4.93 -0.54 -2.64
C ARG A 9 -6.24 -0.31 -1.87
N MET A 10 -7.27 -1.11 -2.13
CA MET A 10 -8.57 -0.97 -1.46
C MET A 10 -9.36 -2.29 -1.44
N PHE A 11 -9.98 -2.60 -0.29
CA PHE A 11 -10.94 -3.68 -0.10
C PHE A 11 -12.30 -3.49 -0.80
N ALA A 12 -13.03 -4.59 -1.05
CA ALA A 12 -14.37 -4.55 -1.62
C ALA A 12 -15.42 -3.79 -0.76
N ASN A 13 -15.15 -3.65 0.55
CA ASN A 13 -15.96 -2.87 1.49
C ASN A 13 -15.68 -1.35 1.46
N GLY A 14 -14.69 -0.88 0.69
CA GLY A 14 -14.28 0.53 0.59
C GLY A 14 -13.18 0.99 1.56
N THR A 15 -12.41 0.06 2.16
CA THR A 15 -11.32 0.35 3.10
C THR A 15 -9.98 0.40 2.35
N VAL A 16 -9.23 1.49 2.51
CA VAL A 16 -7.98 1.75 1.74
C VAL A 16 -6.77 1.28 2.55
N TYR A 17 -5.78 0.73 1.86
CA TYR A 17 -4.50 0.26 2.40
C TYR A 17 -3.40 0.38 1.33
N TYR A 18 -2.21 -0.14 1.62
CA TYR A 18 -1.00 -0.02 0.81
C TYR A 18 -0.36 -1.38 0.51
N PHE A 19 0.23 -1.51 -0.68
CA PHE A 19 0.88 -2.73 -1.17
C PHE A 19 2.20 -2.49 -1.89
N ASN A 20 3.26 -3.25 -1.57
CA ASN A 20 4.55 -3.13 -2.26
C ASN A 20 4.65 -4.20 -3.36
N HIS A 21 4.68 -3.78 -4.62
CA HIS A 21 4.65 -4.70 -5.77
C HIS A 21 6.01 -5.36 -6.07
N ILE A 22 7.10 -4.86 -5.48
CA ILE A 22 8.45 -5.45 -5.58
C ILE A 22 8.60 -6.64 -4.62
N THR A 23 8.05 -6.52 -3.40
CA THR A 23 8.24 -7.44 -2.26
C THR A 23 7.02 -8.25 -1.82
N ASN A 24 5.84 -7.92 -2.37
CA ASN A 24 4.51 -8.43 -1.97
C ASN A 24 4.09 -8.08 -0.51
N ALA A 25 4.80 -7.15 0.17
CA ALA A 25 4.40 -6.63 1.47
C ALA A 25 3.11 -5.79 1.41
N SER A 26 2.44 -5.58 2.56
CA SER A 26 1.25 -4.73 2.68
C SER A 26 1.13 -4.07 4.06
N GLN A 27 0.52 -2.88 4.10
CA GLN A 27 0.31 -2.06 5.30
C GLN A 27 -1.01 -1.27 5.26
N PHE A 28 -1.68 -1.16 6.41
CA PHE A 28 -2.81 -0.24 6.57
C PHE A 28 -2.40 1.22 6.81
N GLU A 29 -1.30 1.40 7.55
CA GLU A 29 -0.67 2.70 7.80
C GLU A 29 0.21 3.15 6.62
N ARG A 30 0.13 4.43 6.27
CA ARG A 30 0.76 5.06 5.10
C ARG A 30 2.31 4.92 5.12
N PRO A 31 2.91 4.19 4.15
CA PRO A 31 4.33 3.84 4.15
C PRO A 31 5.28 5.04 3.92
N SER A 32 6.46 4.97 4.52
CA SER A 32 7.55 5.97 4.37
C SER A 32 8.85 5.41 3.77
N GLY A 33 8.92 4.09 3.51
CA GLY A 33 10.08 3.40 2.91
C GLY A 33 10.02 1.88 3.08
N LYS A 1 5.65 12.02 -3.41
CA LYS A 1 4.48 11.54 -2.63
C LYS A 1 4.77 10.19 -1.96
N LEU A 2 4.70 9.08 -2.71
CA LEU A 2 4.80 7.71 -2.20
C LEU A 2 6.21 7.11 -2.45
N PRO A 3 6.82 6.41 -1.47
CA PRO A 3 8.17 5.84 -1.62
C PRO A 3 8.23 4.68 -2.64
N PRO A 4 9.44 4.33 -3.14
CA PRO A 4 9.64 3.29 -4.16
C PRO A 4 9.02 1.93 -3.81
N GLY A 5 8.42 1.28 -4.82
CA GLY A 5 7.80 -0.05 -4.71
C GLY A 5 6.38 -0.07 -4.14
N TRP A 6 5.95 0.94 -3.37
CA TRP A 6 4.58 1.05 -2.87
C TRP A 6 3.56 1.53 -3.91
N GLU A 7 2.30 1.14 -3.73
CA GLU A 7 1.14 1.52 -4.54
C GLU A 7 -0.14 1.50 -3.68
N LYS A 8 -1.05 2.46 -3.88
CA LYS A 8 -2.34 2.49 -3.18
C LYS A 8 -3.30 1.37 -3.62
N ARG A 9 -4.07 0.85 -2.67
CA ARG A 9 -4.93 -0.35 -2.77
C ARG A 9 -6.23 -0.16 -1.97
N MET A 10 -7.23 -1.00 -2.22
CA MET A 10 -8.52 -0.94 -1.51
C MET A 10 -9.25 -2.30 -1.51
N PHE A 11 -9.82 -2.65 -0.36
CA PHE A 11 -10.71 -3.80 -0.16
C PHE A 11 -12.11 -3.69 -0.80
N ALA A 12 -12.77 -4.82 -1.03
CA ALA A 12 -14.14 -4.87 -1.57
C ALA A 12 -15.18 -4.15 -0.68
N ASN A 13 -14.90 -4.01 0.63
CA ASN A 13 -15.73 -3.28 1.59
C ASN A 13 -15.49 -1.74 1.61
N GLY A 14 -14.55 -1.23 0.81
CA GLY A 14 -14.21 0.20 0.74
C GLY A 14 -13.10 0.68 1.70
N THR A 15 -12.29 -0.22 2.24
CA THR A 15 -11.18 0.11 3.17
C THR A 15 -9.88 0.23 2.39
N VAL A 16 -9.16 1.35 2.54
CA VAL A 16 -7.95 1.67 1.75
C VAL A 16 -6.71 1.22 2.53
N TYR A 17 -5.73 0.69 1.80
CA TYR A 17 -4.43 0.25 2.32
C TYR A 17 -3.33 0.50 1.26
N TYR A 18 -2.09 0.16 1.58
CA TYR A 18 -0.91 0.25 0.71
C TYR A 18 -0.31 -1.14 0.42
N PHE A 19 0.20 -1.32 -0.80
CA PHE A 19 0.80 -2.57 -1.28
C PHE A 19 2.18 -2.40 -1.93
N ASN A 20 3.16 -3.20 -1.54
CA ASN A 20 4.50 -3.18 -2.11
C ASN A 20 4.57 -4.20 -3.26
N HIS A 21 4.59 -3.73 -4.52
CA HIS A 21 4.56 -4.61 -5.69
C HIS A 21 5.91 -5.32 -5.96
N ILE A 22 6.99 -4.89 -5.32
CA ILE A 22 8.31 -5.52 -5.40
C ILE A 22 8.39 -6.77 -4.49
N THR A 23 7.80 -6.68 -3.29
CA THR A 23 7.92 -7.65 -2.19
C THR A 23 6.66 -8.42 -1.82
N ASN A 24 5.51 -8.02 -2.37
CA ASN A 24 4.14 -8.48 -2.03
C ASN A 24 3.69 -8.18 -0.59
N ALA A 25 4.41 -7.34 0.17
CA ALA A 25 3.97 -6.84 1.48
C ALA A 25 2.76 -5.89 1.36
N SER A 26 1.98 -5.72 2.44
CA SER A 26 0.86 -4.77 2.49
C SER A 26 0.55 -4.27 3.91
N GLN A 27 0.10 -3.02 4.02
CA GLN A 27 -0.20 -2.33 5.29
C GLN A 27 -1.07 -1.08 5.02
N PHE A 28 -2.01 -0.72 5.91
CA PHE A 28 -2.73 0.57 5.85
C PHE A 28 -2.05 1.79 6.48
N GLU A 29 -1.05 1.56 7.34
CA GLU A 29 -0.19 2.60 7.89
C GLU A 29 0.65 3.24 6.77
N ARG A 30 0.44 4.53 6.49
CA ARG A 30 1.00 5.23 5.32
C ARG A 30 2.54 5.09 5.24
N PRO A 31 3.11 4.53 4.15
CA PRO A 31 4.53 4.16 4.07
C PRO A 31 5.49 5.35 3.96
N SER A 32 6.52 5.38 4.81
CA SER A 32 7.65 6.33 4.76
C SER A 32 8.86 5.81 3.97
N GLY A 33 8.97 4.49 3.78
CA GLY A 33 10.06 3.81 3.04
C GLY A 33 10.02 2.30 3.18
N LYS A 1 5.43 12.04 -3.04
CA LYS A 1 4.33 11.56 -2.16
C LYS A 1 4.61 10.16 -1.61
N LEU A 2 4.54 9.12 -2.45
CA LEU A 2 4.70 7.71 -2.06
C LEU A 2 6.14 7.21 -2.30
N PRO A 3 6.72 6.36 -1.42
CA PRO A 3 8.07 5.82 -1.61
C PRO A 3 8.17 4.82 -2.79
N PRO A 4 9.38 4.53 -3.29
CA PRO A 4 9.61 3.52 -4.35
C PRO A 4 9.05 2.14 -4.01
N GLY A 5 8.47 1.47 -5.00
CA GLY A 5 7.92 0.10 -4.90
C GLY A 5 6.53 -0.01 -4.26
N TRP A 6 6.02 1.02 -3.59
CA TRP A 6 4.65 1.05 -3.05
C TRP A 6 3.58 1.45 -4.08
N GLU A 7 2.35 1.01 -3.84
CA GLU A 7 1.14 1.33 -4.60
C GLU A 7 -0.10 1.32 -3.68
N LYS A 8 -1.06 2.22 -3.92
CA LYS A 8 -2.34 2.25 -3.18
C LYS A 8 -3.27 1.10 -3.56
N ARG A 9 -4.02 0.61 -2.57
CA ARG A 9 -4.88 -0.59 -2.61
C ARG A 9 -6.18 -0.35 -1.85
N MET A 10 -7.21 -1.17 -2.09
CA MET A 10 -8.51 -1.04 -1.44
C MET A 10 -9.28 -2.36 -1.37
N PHE A 11 -9.90 -2.63 -0.22
CA PHE A 11 -10.84 -3.74 0.01
C PHE A 11 -12.20 -3.62 -0.70
N ALA A 12 -12.90 -4.74 -0.89
CA ALA A 12 -14.25 -4.75 -1.49
C ALA A 12 -15.30 -3.96 -0.69
N ASN A 13 -15.07 -3.75 0.62
CA ASN A 13 -15.91 -2.92 1.50
C ASN A 13 -15.61 -1.40 1.43
N GLY A 14 -14.61 -0.97 0.64
CA GLY A 14 -14.22 0.43 0.49
C GLY A 14 -13.12 0.94 1.45
N THR A 15 -12.37 0.04 2.09
CA THR A 15 -11.30 0.39 3.04
C THR A 15 -9.94 0.42 2.33
N VAL A 16 -9.21 1.54 2.43
CA VAL A 16 -7.97 1.80 1.68
C VAL A 16 -6.75 1.39 2.51
N TYR A 17 -5.74 0.82 1.85
CA TYR A 17 -4.47 0.38 2.43
C TYR A 17 -3.35 0.46 1.35
N TYR A 18 -2.16 -0.02 1.69
CA TYR A 18 -0.95 0.07 0.86
C TYR A 18 -0.31 -1.28 0.56
N PHE A 19 0.29 -1.41 -0.62
CA PHE A 19 0.91 -2.63 -1.13
C PHE A 19 2.26 -2.43 -1.82
N ASN A 20 3.27 -3.24 -1.51
CA ASN A 20 4.58 -3.18 -2.13
C ASN A 20 4.63 -4.19 -3.29
N HIS A 21 4.67 -3.70 -4.54
CA HIS A 21 4.62 -4.57 -5.73
C HIS A 21 5.97 -5.27 -6.03
N ILE A 22 7.06 -4.83 -5.40
CA ILE A 22 8.38 -5.46 -5.50
C ILE A 22 8.47 -6.71 -4.60
N THR A 23 7.91 -6.63 -3.39
CA THR A 23 8.05 -7.62 -2.30
C THR A 23 6.79 -8.39 -1.91
N ASN A 24 5.63 -8.00 -2.45
CA ASN A 24 4.28 -8.46 -2.09
C ASN A 24 3.84 -8.18 -0.64
N ALA A 25 4.56 -7.33 0.11
CA ALA A 25 4.16 -6.85 1.43
C ALA A 25 2.93 -5.91 1.37
N SER A 26 2.23 -5.71 2.49
CA SER A 26 1.09 -4.79 2.60
C SER A 26 0.89 -4.25 4.03
N GLN A 27 0.35 -3.04 4.15
CA GLN A 27 0.12 -2.34 5.42
C GLN A 27 -1.00 -1.29 5.32
N PHE A 28 -1.75 -1.05 6.41
CA PHE A 28 -2.81 -0.04 6.48
C PHE A 28 -2.38 1.41 6.73
N GLU A 29 -1.48 1.62 7.69
CA GLU A 29 -0.80 2.91 7.92
C GLU A 29 0.13 3.21 6.74
N ARG A 30 0.16 4.47 6.25
CA ARG A 30 0.86 4.77 4.99
C ARG A 30 2.39 4.60 5.07
N PRO A 31 3.04 4.24 3.95
CA PRO A 31 4.47 3.93 3.91
C PRO A 31 5.38 5.16 3.99
N SER A 32 6.65 4.95 4.35
CA SER A 32 7.70 5.98 4.37
C SER A 32 9.12 5.45 4.08
N GLY A 33 9.24 4.22 3.55
CA GLY A 33 10.51 3.57 3.17
C GLY A 33 10.35 2.09 2.84
N LYS A 1 5.30 11.89 -3.95
CA LYS A 1 4.12 11.41 -3.18
C LYS A 1 4.45 10.17 -2.35
N LEU A 2 4.49 8.99 -2.99
CA LEU A 2 4.59 7.67 -2.35
C LEU A 2 6.02 7.07 -2.52
N PRO A 3 6.57 6.33 -1.55
CA PRO A 3 7.94 5.79 -1.64
C PRO A 3 8.10 4.71 -2.72
N PRO A 4 9.34 4.39 -3.15
CA PRO A 4 9.63 3.35 -4.14
C PRO A 4 9.03 1.99 -3.78
N GLY A 5 8.49 1.29 -4.79
CA GLY A 5 7.86 -0.03 -4.67
C GLY A 5 6.45 -0.07 -4.08
N TRP A 6 6.04 0.94 -3.30
CA TRP A 6 4.67 1.04 -2.78
C TRP A 6 3.65 1.53 -3.82
N GLU A 7 2.43 0.99 -3.72
CA GLU A 7 1.25 1.37 -4.49
C GLU A 7 -0.02 1.31 -3.61
N LYS A 8 -1.02 2.16 -3.88
CA LYS A 8 -2.30 2.20 -3.17
C LYS A 8 -3.26 1.07 -3.56
N ARG A 9 -4.02 0.58 -2.58
CA ARG A 9 -5.08 -0.45 -2.70
C ARG A 9 -6.34 -0.11 -1.94
N MET A 10 -7.38 -0.90 -2.18
CA MET A 10 -8.68 -0.80 -1.50
C MET A 10 -9.43 -2.14 -1.51
N PHE A 11 -10.00 -2.51 -0.36
CA PHE A 11 -10.93 -3.63 -0.18
C PHE A 11 -12.31 -3.47 -0.84
N ALA A 12 -13.02 -4.57 -1.09
CA ALA A 12 -14.39 -4.55 -1.62
C ALA A 12 -15.41 -3.84 -0.70
N ASN A 13 -15.11 -3.73 0.60
CA ASN A 13 -15.90 -2.98 1.59
C ASN A 13 -15.65 -1.45 1.60
N GLY A 14 -14.70 -0.94 0.80
CA GLY A 14 -14.33 0.48 0.73
C GLY A 14 -13.19 0.93 1.66
N THR A 15 -12.41 0.00 2.24
CA THR A 15 -11.29 0.29 3.15
C THR A 15 -9.97 0.37 2.39
N VAL A 16 -9.18 1.42 2.60
CA VAL A 16 -7.94 1.71 1.84
C VAL A 16 -6.72 1.15 2.58
N TYR A 17 -5.75 0.64 1.83
CA TYR A 17 -4.47 0.12 2.34
C TYR A 17 -3.35 0.32 1.30
N TYR A 18 -2.14 -0.15 1.64
CA TYR A 18 -0.92 -0.02 0.84
C TYR A 18 -0.27 -1.36 0.54
N PHE A 19 0.30 -1.51 -0.66
CA PHE A 19 0.92 -2.73 -1.17
C PHE A 19 2.26 -2.50 -1.87
N ASN A 20 3.29 -3.25 -1.51
CA ASN A 20 4.59 -3.19 -2.16
C ASN A 20 4.63 -4.21 -3.30
N HIS A 21 4.57 -3.76 -4.55
CA HIS A 21 4.49 -4.66 -5.71
C HIS A 21 5.81 -5.40 -6.00
N ILE A 22 6.93 -4.89 -5.49
CA ILE A 22 8.26 -5.46 -5.67
C ILE A 22 8.49 -6.65 -4.71
N THR A 23 8.02 -6.51 -3.47
CA THR A 23 8.25 -7.46 -2.35
C THR A 23 7.03 -8.28 -1.91
N ASN A 24 5.85 -7.95 -2.43
CA ASN A 24 4.53 -8.48 -2.04
C ASN A 24 4.10 -8.17 -0.58
N ALA A 25 4.80 -7.28 0.13
CA ALA A 25 4.38 -6.79 1.45
C ALA A 25 3.10 -5.92 1.37
N SER A 26 2.38 -5.78 2.49
CA SER A 26 1.21 -4.89 2.60
C SER A 26 0.99 -4.35 4.03
N GLN A 27 0.41 -3.16 4.14
CA GLN A 27 0.14 -2.48 5.41
C GLN A 27 -1.01 -1.45 5.28
N PHE A 28 -1.71 -1.16 6.38
CA PHE A 28 -2.74 -0.11 6.44
C PHE A 28 -2.24 1.34 6.55
N GLU A 29 -1.20 1.56 7.35
CA GLU A 29 -0.62 2.89 7.60
C GLU A 29 0.15 3.41 6.37
N ARG A 30 -0.03 4.70 6.04
CA ARG A 30 0.58 5.38 4.88
C ARG A 30 2.13 5.34 4.92
N PRO A 31 2.81 4.71 3.95
CA PRO A 31 4.27 4.53 3.94
C PRO A 31 5.07 5.83 3.99
N SER A 32 5.97 5.95 4.97
CA SER A 32 6.82 7.14 5.17
C SER A 32 8.12 7.13 4.35
N GLY A 33 8.58 5.95 3.91
CA GLY A 33 9.84 5.74 3.18
C GLY A 33 10.12 4.27 2.83
N LYS A 1 5.18 11.83 -3.96
CA LYS A 1 4.14 11.43 -2.99
C LYS A 1 4.52 10.13 -2.25
N LEU A 2 4.39 8.98 -2.91
CA LEU A 2 4.52 7.64 -2.32
C LEU A 2 5.95 7.06 -2.52
N PRO A 3 6.51 6.27 -1.59
CA PRO A 3 7.88 5.75 -1.71
C PRO A 3 8.04 4.70 -2.83
N PRO A 4 9.27 4.41 -3.28
CA PRO A 4 9.55 3.38 -4.29
C PRO A 4 8.99 2.00 -3.92
N GLY A 5 8.44 1.30 -4.91
CA GLY A 5 7.84 -0.04 -4.79
C GLY A 5 6.42 -0.08 -4.20
N TRP A 6 5.99 0.92 -3.45
CA TRP A 6 4.62 1.02 -2.91
C TRP A 6 3.56 1.47 -3.93
N GLU A 7 2.32 1.05 -3.72
CA GLU A 7 1.12 1.42 -4.48
C GLU A 7 -0.10 1.46 -3.54
N LYS A 8 -1.02 2.40 -3.74
CA LYS A 8 -2.32 2.39 -3.04
C LYS A 8 -3.25 1.28 -3.52
N ARG A 9 -4.03 0.74 -2.58
CA ARG A 9 -5.06 -0.31 -2.78
C ARG A 9 -6.32 -0.03 -1.97
N MET A 10 -7.34 -0.85 -2.21
CA MET A 10 -8.64 -0.77 -1.53
C MET A 10 -9.37 -2.12 -1.52
N PHE A 11 -9.93 -2.49 -0.37
CA PHE A 11 -10.85 -3.61 -0.16
C PHE A 11 -12.23 -3.47 -0.81
N ALA A 12 -12.93 -4.59 -1.04
CA ALA A 12 -14.31 -4.60 -1.55
C ALA A 12 -15.33 -3.89 -0.63
N ASN A 13 -15.02 -3.76 0.66
CA ASN A 13 -15.81 -3.02 1.66
C ASN A 13 -15.57 -1.49 1.66
N GLY A 14 -14.63 -0.97 0.86
CA GLY A 14 -14.27 0.45 0.79
C GLY A 14 -13.14 0.92 1.72
N THR A 15 -12.34 0.01 2.27
CA THR A 15 -11.21 0.30 3.19
C THR A 15 -9.90 0.40 2.39
N VAL A 16 -9.12 1.47 2.61
CA VAL A 16 -7.90 1.76 1.83
C VAL A 16 -6.68 1.19 2.56
N TYR A 17 -5.70 0.69 1.80
CA TYR A 17 -4.42 0.18 2.30
C TYR A 17 -3.30 0.39 1.26
N TYR A 18 -2.10 -0.07 1.59
CA TYR A 18 -0.88 0.07 0.79
C TYR A 18 -0.23 -1.30 0.49
N PHE A 19 0.30 -1.46 -0.72
CA PHE A 19 0.92 -2.69 -1.22
C PHE A 19 2.28 -2.48 -1.90
N ASN A 20 3.30 -3.23 -1.50
CA ASN A 20 4.62 -3.19 -2.13
C ASN A 20 4.67 -4.22 -3.26
N HIS A 21 4.69 -3.76 -4.51
CA HIS A 21 4.65 -4.66 -5.68
C HIS A 21 5.95 -5.43 -5.90
N ILE A 22 7.07 -4.94 -5.36
CA ILE A 22 8.41 -5.54 -5.51
C ILE A 22 8.59 -6.71 -4.53
N THR A 23 8.09 -6.56 -3.30
CA THR A 23 8.26 -7.50 -2.17
C THR A 23 7.02 -8.29 -1.76
N ASN A 24 5.87 -8.01 -2.39
CA ASN A 24 4.52 -8.47 -2.07
C ASN A 24 4.03 -8.19 -0.62
N ALA A 25 4.73 -7.34 0.15
CA ALA A 25 4.27 -6.86 1.46
C ALA A 25 3.03 -5.95 1.35
N SER A 26 2.27 -5.82 2.45
CA SER A 26 1.12 -4.90 2.54
C SER A 26 0.87 -4.40 3.96
N GLN A 27 0.33 -3.17 4.08
CA GLN A 27 0.05 -2.51 5.35
C GLN A 27 -1.09 -1.48 5.23
N PHE A 28 -1.83 -1.25 6.32
CA PHE A 28 -2.88 -0.21 6.38
C PHE A 28 -2.41 1.24 6.51
N GLU A 29 -1.39 1.48 7.33
CA GLU A 29 -0.82 2.80 7.58
C GLU A 29 0.03 3.31 6.38
N ARG A 30 -0.08 4.60 6.06
CA ARG A 30 0.62 5.26 4.94
C ARG A 30 2.16 5.17 5.06
N PRO A 31 2.88 4.48 4.13
CA PRO A 31 4.33 4.31 4.20
C PRO A 31 5.09 5.62 3.99
N SER A 32 5.96 5.98 4.95
CA SER A 32 6.75 7.22 4.94
C SER A 32 8.08 7.13 4.16
N GLY A 33 8.56 5.92 3.87
CA GLY A 33 9.82 5.63 3.16
C GLY A 33 10.11 4.14 2.98
N LYS A 1 5.34 11.73 -4.03
CA LYS A 1 4.59 11.54 -2.75
C LYS A 1 4.85 10.17 -2.10
N LEU A 2 4.55 9.06 -2.79
CA LEU A 2 4.65 7.69 -2.27
C LEU A 2 6.06 7.11 -2.49
N PRO A 3 6.68 6.39 -1.51
CA PRO A 3 8.03 5.85 -1.65
C PRO A 3 8.15 4.72 -2.69
N PRO A 4 9.36 4.41 -3.18
CA PRO A 4 9.61 3.38 -4.20
C PRO A 4 9.03 2.00 -3.86
N GLY A 5 8.47 1.33 -4.87
CA GLY A 5 7.87 -0.01 -4.77
C GLY A 5 6.45 -0.07 -4.20
N TRP A 6 5.98 0.96 -3.48
CA TRP A 6 4.62 1.04 -2.95
C TRP A 6 3.57 1.48 -3.99
N GLU A 7 2.32 1.08 -3.75
CA GLU A 7 1.12 1.45 -4.51
C GLU A 7 -0.09 1.51 -3.54
N LYS A 8 -1.01 2.46 -3.74
CA LYS A 8 -2.29 2.46 -3.02
C LYS A 8 -3.18 1.29 -3.47
N ARG A 9 -3.92 0.72 -2.51
CA ARG A 9 -4.68 -0.53 -2.65
C ARG A 9 -6.00 -0.42 -1.87
N MET A 10 -7.00 -1.23 -2.20
CA MET A 10 -8.36 -1.05 -1.66
C MET A 10 -9.19 -2.35 -1.64
N PHE A 11 -9.83 -2.62 -0.50
CA PHE A 11 -10.78 -3.70 -0.29
C PHE A 11 -12.19 -3.49 -0.87
N ALA A 12 -12.90 -4.57 -1.20
CA ALA A 12 -14.27 -4.52 -1.71
C ALA A 12 -15.29 -3.91 -0.71
N ASN A 13 -14.97 -3.91 0.60
CA ASN A 13 -15.78 -3.30 1.66
C ASN A 13 -15.62 -1.76 1.78
N GLY A 14 -14.73 -1.15 0.99
CA GLY A 14 -14.46 0.30 0.99
C GLY A 14 -13.23 0.76 1.78
N THR A 15 -12.36 -0.16 2.23
CA THR A 15 -11.19 0.15 3.06
C THR A 15 -9.93 0.30 2.22
N VAL A 16 -9.23 1.44 2.33
CA VAL A 16 -7.99 1.76 1.60
C VAL A 16 -6.77 1.40 2.46
N TYR A 17 -5.73 0.89 1.83
CA TYR A 17 -4.45 0.46 2.43
C TYR A 17 -3.33 0.59 1.38
N TYR A 18 -2.15 0.06 1.69
CA TYR A 18 -0.93 0.15 0.87
C TYR A 18 -0.30 -1.21 0.56
N PHE A 19 0.23 -1.37 -0.65
CA PHE A 19 0.83 -2.60 -1.16
C PHE A 19 2.20 -2.41 -1.84
N ASN A 20 3.19 -3.23 -1.49
CA ASN A 20 4.51 -3.19 -2.11
C ASN A 20 4.57 -4.20 -3.26
N HIS A 21 4.64 -3.72 -4.51
CA HIS A 21 4.60 -4.58 -5.70
C HIS A 21 5.93 -5.30 -6.00
N ILE A 22 7.03 -4.89 -5.36
CA ILE A 22 8.34 -5.53 -5.47
C ILE A 22 8.42 -6.78 -4.56
N THR A 23 7.85 -6.68 -3.35
CA THR A 23 7.98 -7.67 -2.26
C THR A 23 6.70 -8.42 -1.87
N ASN A 24 5.57 -8.05 -2.47
CA ASN A 24 4.19 -8.45 -2.14
C ASN A 24 3.77 -8.22 -0.66
N ALA A 25 4.48 -7.37 0.08
CA ALA A 25 4.07 -6.91 1.41
C ALA A 25 2.84 -5.96 1.33
N SER A 26 2.12 -5.80 2.44
CA SER A 26 1.00 -4.85 2.56
C SER A 26 0.79 -4.35 4.00
N GLN A 27 0.28 -3.11 4.12
CA GLN A 27 0.05 -2.44 5.41
C GLN A 27 -1.05 -1.37 5.30
N PHE A 28 -1.76 -1.09 6.40
CA PHE A 28 -2.74 -0.01 6.48
C PHE A 28 -2.20 1.42 6.60
N GLU A 29 -1.15 1.61 7.40
CA GLU A 29 -0.52 2.91 7.65
C GLU A 29 0.28 3.42 6.43
N ARG A 30 0.18 4.72 6.12
CA ARG A 30 0.82 5.37 4.97
C ARG A 30 2.37 5.25 5.00
N PRO A 31 3.00 4.54 4.04
CA PRO A 31 4.43 4.21 4.07
C PRO A 31 5.35 5.42 3.84
N SER A 32 6.49 5.43 4.53
CA SER A 32 7.57 6.42 4.39
C SER A 32 8.84 5.87 3.70
N GLY A 33 8.97 4.54 3.56
CA GLY A 33 10.10 3.86 2.91
C GLY A 33 10.04 2.34 3.08
#